data_1ZPI
# 
_entry.id   1ZPI 
# 
_audit_conform.dict_name       mmcif_pdbx.dic 
_audit_conform.dict_version    5.389 
_audit_conform.dict_location   http://mmcif.pdb.org/dictionaries/ascii/mmcif_pdbx.dic 
# 
loop_
_database_2.database_id 
_database_2.database_code 
_database_2.pdbx_database_accession 
_database_2.pdbx_DOI 
PDB   1ZPI         pdb_00001zpi 10.2210/pdb1zpi/pdb 
NDB   DD0072       ?            ?                   
RCSB  RCSB032990   ?            ?                   
WWPDB D_1000032990 ?            ?                   
# 
loop_
_pdbx_audit_revision_history.ordinal 
_pdbx_audit_revision_history.data_content_type 
_pdbx_audit_revision_history.major_revision 
_pdbx_audit_revision_history.minor_revision 
_pdbx_audit_revision_history.revision_date 
1 'Structure model' 1 0 2005-10-11 
2 'Structure model' 1 1 2008-04-30 
3 'Structure model' 1 2 2011-07-13 
4 'Structure model' 1 3 2024-02-14 
5 'Structure model' 1 4 2024-04-03 
# 
_pdbx_audit_revision_details.ordinal             1 
_pdbx_audit_revision_details.revision_ordinal    1 
_pdbx_audit_revision_details.data_content_type   'Structure model' 
_pdbx_audit_revision_details.provider            repository 
_pdbx_audit_revision_details.type                'Initial release' 
_pdbx_audit_revision_details.description         ? 
_pdbx_audit_revision_details.details             ? 
# 
loop_
_pdbx_audit_revision_group.ordinal 
_pdbx_audit_revision_group.revision_ordinal 
_pdbx_audit_revision_group.data_content_type 
_pdbx_audit_revision_group.group 
1 2 'Structure model' 'Version format compliance' 
2 3 'Structure model' 'Version format compliance' 
3 4 'Structure model' 'Data collection'           
4 4 'Structure model' 'Database references'       
5 4 'Structure model' 'Derived calculations'      
6 5 'Structure model' 'Refinement description'    
# 
loop_
_pdbx_audit_revision_category.ordinal 
_pdbx_audit_revision_category.revision_ordinal 
_pdbx_audit_revision_category.data_content_type 
_pdbx_audit_revision_category.category 
1 4 'Structure model' chem_comp_atom                
2 4 'Structure model' chem_comp_bond                
3 4 'Structure model' database_2                    
4 4 'Structure model' pdbx_struct_conn_angle        
5 4 'Structure model' struct_conn                   
6 4 'Structure model' struct_site                   
7 5 'Structure model' pdbx_initial_refinement_model 
# 
loop_
_pdbx_audit_revision_item.ordinal 
_pdbx_audit_revision_item.revision_ordinal 
_pdbx_audit_revision_item.data_content_type 
_pdbx_audit_revision_item.item 
1  4 'Structure model' '_database_2.pdbx_DOI'                        
2  4 'Structure model' '_database_2.pdbx_database_accession'         
3  4 'Structure model' '_pdbx_struct_conn_angle.ptnr1_auth_asym_id'  
4  4 'Structure model' '_pdbx_struct_conn_angle.ptnr1_auth_seq_id'   
5  4 'Structure model' '_pdbx_struct_conn_angle.ptnr1_label_asym_id' 
6  4 'Structure model' '_pdbx_struct_conn_angle.ptnr3_auth_asym_id'  
7  4 'Structure model' '_pdbx_struct_conn_angle.ptnr3_auth_seq_id'   
8  4 'Structure model' '_pdbx_struct_conn_angle.ptnr3_label_asym_id' 
9  4 'Structure model' '_pdbx_struct_conn_angle.value'               
10 4 'Structure model' '_struct_conn.pdbx_dist_value'                
11 4 'Structure model' '_struct_conn.ptnr2_auth_asym_id'             
12 4 'Structure model' '_struct_conn.ptnr2_auth_seq_id'              
13 4 'Structure model' '_struct_conn.ptnr2_label_asym_id'            
14 4 'Structure model' '_struct_site.pdbx_auth_asym_id'              
15 4 'Structure model' '_struct_site.pdbx_auth_comp_id'              
16 4 'Structure model' '_struct_site.pdbx_auth_seq_id'               
# 
_pdbx_database_status.status_code                     REL 
_pdbx_database_status.entry_id                        1ZPI 
_pdbx_database_status.recvd_initial_deposition_date   2005-05-16 
_pdbx_database_status.deposit_site                    RCSB 
_pdbx_database_status.process_site                    RCSB 
_pdbx_database_status.status_code_sf                  REL 
_pdbx_database_status.status_code_mr                  ? 
_pdbx_database_status.SG_entry                        ? 
_pdbx_database_status.pdb_format_compatible           Y 
_pdbx_database_status.status_code_cs                  ? 
_pdbx_database_status.status_code_nmr_data            ? 
_pdbx_database_status.methods_development_category    ? 
# 
_pdbx_database_related.db_name        PDB 
_pdbx_database_related.db_id          1ZPH 
_pdbx_database_related.details        . 
_pdbx_database_related.content_type   unspecified 
# 
loop_
_audit_author.name 
_audit_author.pdbx_ordinal 
'Adams, A.'   1 
'Leong, C.'   2 
'Denny, W.A.' 3 
'Guss, J.M.'  4 
# 
_citation.id                        primary 
_citation.title                     
;Structures of two minor-groove-binding quinolinium quaternary salts complexed with d(CGCGAATTCGCG)(2) at 1.6 and 1.8 Angstrom resolution.
;
_citation.journal_abbrev            'Acta Crystallogr.,Sect.D' 
_citation.journal_volume            61 
_citation.page_first                1348 
_citation.page_last                 1353 
_citation.year                      2005 
_citation.journal_id_ASTM           ABCRE6 
_citation.country                   DK 
_citation.journal_id_ISSN           0907-4449 
_citation.journal_id_CSD            0766 
_citation.book_publisher            ? 
_citation.pdbx_database_id_PubMed   16204886 
_citation.pdbx_database_id_DOI      10.1107/S0907444905022997 
# 
loop_
_citation_author.citation_id 
_citation_author.name 
_citation_author.ordinal 
_citation_author.identifier_ORCID 
primary 'Adams, A.'   1 ? 
primary 'Leong, C.'   2 ? 
primary 'Denny, W.A.' 3 ? 
primary 'Guss, J.M.'  4 ? 
# 
loop_
_entity.id 
_entity.type 
_entity.src_method 
_entity.pdbx_description 
_entity.formula_weight 
_entity.pdbx_number_of_molecules 
_entity.pdbx_ec 
_entity.pdbx_mutation 
_entity.pdbx_fragment 
_entity.details 
1 polymer     syn "5'-D(*CP*GP*CP*GP*AP*AP*TP*TP*CP*GP*CP*G)-3'"                                                     3663.392 2  ? 
? ? ? 
2 non-polymer syn 'MAGNESIUM ION'                                                                                    24.305   1  ? 
? ? ? 
3 non-polymer syn '8-METHOXY-1-METHYL-4-(4-(4-(1-METHYLPYRIDINIUM-4-YLAMINO)PHENYLCARBAMOYL)PHENYLAMINO)QUINOLINIUM' 509.726  1  ? 
? ? ? 
4 water       nat water                                                                                              18.015   76 ? 
? ? ? 
# 
_entity_poly.entity_id                      1 
_entity_poly.type                           polydeoxyribonucleotide 
_entity_poly.nstd_linkage                   no 
_entity_poly.nstd_monomer                   no 
_entity_poly.pdbx_seq_one_letter_code       '(DC)(DG)(DC)(DG)(DA)(DA)(DT)(DT)(DC)(DG)(DC)(DG)' 
_entity_poly.pdbx_seq_one_letter_code_can   CGCGAATTCGCG 
_entity_poly.pdbx_strand_id                 A,B 
_entity_poly.pdbx_target_identifier         ? 
# 
loop_
_pdbx_entity_nonpoly.entity_id 
_pdbx_entity_nonpoly.name 
_pdbx_entity_nonpoly.comp_id 
2 'MAGNESIUM ION'                                                                                    MG  
3 '8-METHOXY-1-METHYL-4-(4-(4-(1-METHYLPYRIDINIUM-4-YLAMINO)PHENYLCARBAMOYL)PHENYLAMINO)QUINOLINIUM' SN9 
4 water                                                                                              HOH 
# 
loop_
_entity_poly_seq.entity_id 
_entity_poly_seq.num 
_entity_poly_seq.mon_id 
_entity_poly_seq.hetero 
1 1  DC n 
1 2  DG n 
1 3  DC n 
1 4  DG n 
1 5  DA n 
1 6  DA n 
1 7  DT n 
1 8  DT n 
1 9  DC n 
1 10 DG n 
1 11 DC n 
1 12 DG n 
# 
loop_
_chem_comp.id 
_chem_comp.type 
_chem_comp.mon_nstd_flag 
_chem_comp.name 
_chem_comp.pdbx_synonyms 
_chem_comp.formula 
_chem_comp.formula_weight 
DA  'DNA linking' y "2'-DEOXYADENOSINE-5'-MONOPHOSPHATE"                                                               ?      
'C10 H14 N5 O6 P' 331.222 
DC  'DNA linking' y "2'-DEOXYCYTIDINE-5'-MONOPHOSPHATE"                                                                ?      
'C9 H14 N3 O7 P'  307.197 
DG  'DNA linking' y "2'-DEOXYGUANOSINE-5'-MONOPHOSPHATE"                                                               ?      
'C10 H14 N5 O7 P' 347.221 
DT  'DNA linking' y "THYMIDINE-5'-MONOPHOSPHATE"                                                                       ?      
'C10 H15 N2 O8 P' 322.208 
HOH non-polymer   . WATER                                                                                              ?      
'H2 O'            18.015  
MG  non-polymer   . 'MAGNESIUM ION'                                                                                    ?      
'Mg 2'            24.305  
SN9 non-polymer   . '8-METHOXY-1-METHYL-4-(4-(4-(1-METHYLPYRIDINIUM-4-YLAMINO)PHENYLCARBAMOYL)PHENYLAMINO)QUINOLINIUM' SN8224 
'C30 H47 N5 O2'   509.726 
# 
loop_
_pdbx_poly_seq_scheme.asym_id 
_pdbx_poly_seq_scheme.entity_id 
_pdbx_poly_seq_scheme.seq_id 
_pdbx_poly_seq_scheme.mon_id 
_pdbx_poly_seq_scheme.ndb_seq_num 
_pdbx_poly_seq_scheme.pdb_seq_num 
_pdbx_poly_seq_scheme.auth_seq_num 
_pdbx_poly_seq_scheme.pdb_mon_id 
_pdbx_poly_seq_scheme.auth_mon_id 
_pdbx_poly_seq_scheme.pdb_strand_id 
_pdbx_poly_seq_scheme.pdb_ins_code 
_pdbx_poly_seq_scheme.hetero 
A 1 1  DC 1  1  1  DC C A . n 
A 1 2  DG 2  2  2  DG G A . n 
A 1 3  DC 3  3  3  DC C A . n 
A 1 4  DG 4  4  4  DG G A . n 
A 1 5  DA 5  5  5  DA A A . n 
A 1 6  DA 6  6  6  DA A A . n 
A 1 7  DT 7  7  7  DT T A . n 
A 1 8  DT 8  8  8  DT T A . n 
A 1 9  DC 9  9  9  DC C A . n 
A 1 10 DG 10 10 10 DG G A . n 
A 1 11 DC 11 11 11 DC C A . n 
A 1 12 DG 12 12 12 DG G A . n 
B 1 1  DC 1  13 13 DC C B . n 
B 1 2  DG 2  14 14 DG G B . n 
B 1 3  DC 3  15 15 DC C B . n 
B 1 4  DG 4  16 16 DG G B . n 
B 1 5  DA 5  17 17 DA A B . n 
B 1 6  DA 6  18 18 DA A B . n 
B 1 7  DT 7  19 19 DT T B . n 
B 1 8  DT 8  20 20 DT T B . n 
B 1 9  DC 9  21 21 DC C B . n 
B 1 10 DG 10 22 22 DG G B . n 
B 1 11 DC 11 23 23 DC C B . n 
B 1 12 DG 12 24 24 DG G B . n 
# 
loop_
_pdbx_nonpoly_scheme.asym_id 
_pdbx_nonpoly_scheme.entity_id 
_pdbx_nonpoly_scheme.mon_id 
_pdbx_nonpoly_scheme.ndb_seq_num 
_pdbx_nonpoly_scheme.pdb_seq_num 
_pdbx_nonpoly_scheme.auth_seq_num 
_pdbx_nonpoly_scheme.pdb_mon_id 
_pdbx_nonpoly_scheme.auth_mon_id 
_pdbx_nonpoly_scheme.pdb_strand_id 
_pdbx_nonpoly_scheme.pdb_ins_code 
C 2 MG  1  100 100 MG  MG  A . 
D 3 SN9 1  200 200 SN9 SN9 B . 
E 4 HOH 1  102 102 HOH HOH A . 
E 4 HOH 2  103 103 HOH HOH A . 
E 4 HOH 3  104 104 HOH HOH A . 
E 4 HOH 4  105 105 HOH HOH A . 
E 4 HOH 5  106 106 HOH HOH A . 
E 4 HOH 6  107 107 HOH HOH A . 
E 4 HOH 7  108 108 HOH HOH A . 
E 4 HOH 8  109 109 HOH HOH A . 
E 4 HOH 9  110 110 HOH HOH A . 
E 4 HOH 10 111 111 HOH HOH A . 
E 4 HOH 11 112 112 HOH HOH A . 
E 4 HOH 12 116 116 HOH HOH A . 
E 4 HOH 13 117 117 HOH HOH A . 
E 4 HOH 14 118 118 HOH HOH A . 
E 4 HOH 15 120 120 HOH HOH A . 
E 4 HOH 16 121 121 HOH HOH A . 
E 4 HOH 17 122 122 HOH HOH A . 
E 4 HOH 18 123 123 HOH HOH A . 
E 4 HOH 19 124 124 HOH HOH A . 
E 4 HOH 20 126 126 HOH HOH A . 
E 4 HOH 21 128 128 HOH HOH A . 
E 4 HOH 22 131 131 HOH HOH A . 
E 4 HOH 23 132 132 HOH HOH A . 
E 4 HOH 24 133 133 HOH HOH A . 
E 4 HOH 25 135 135 HOH HOH A . 
E 4 HOH 26 137 137 HOH HOH A . 
E 4 HOH 27 138 138 HOH HOH A . 
E 4 HOH 28 141 141 HOH HOH A . 
E 4 HOH 29 143 143 HOH HOH A . 
E 4 HOH 30 144 144 HOH HOH A . 
E 4 HOH 31 145 145 HOH HOH A . 
E 4 HOH 32 146 146 HOH HOH A . 
E 4 HOH 33 147 147 HOH HOH A . 
E 4 HOH 34 148 148 HOH HOH A . 
E 4 HOH 35 150 150 HOH HOH A . 
E 4 HOH 36 151 151 HOH HOH A . 
E 4 HOH 37 153 153 HOH HOH A . 
E 4 HOH 38 154 154 HOH HOH A . 
E 4 HOH 39 156 156 HOH HOH A . 
E 4 HOH 40 164 164 HOH HOH A . 
E 4 HOH 41 165 165 HOH HOH A . 
E 4 HOH 42 167 167 HOH HOH A . 
E 4 HOH 43 169 169 HOH HOH A . 
E 4 HOH 44 172 172 HOH HOH A . 
E 4 HOH 45 175 175 HOH HOH A . 
E 4 HOH 46 177 177 HOH HOH A . 
E 4 HOH 47 181 181 HOH HOH A . 
F 4 HOH 1  101 101 HOH HOH B . 
F 4 HOH 2  113 113 HOH HOH B . 
F 4 HOH 3  114 114 HOH HOH B . 
F 4 HOH 4  115 115 HOH HOH B . 
F 4 HOH 5  119 119 HOH HOH B . 
F 4 HOH 6  125 125 HOH HOH B . 
F 4 HOH 7  127 127 HOH HOH B . 
F 4 HOH 8  129 129 HOH HOH B . 
F 4 HOH 9  130 130 HOH HOH B . 
F 4 HOH 10 134 134 HOH HOH B . 
F 4 HOH 11 136 136 HOH HOH B . 
F 4 HOH 12 142 142 HOH HOH B . 
F 4 HOH 13 152 152 HOH HOH B . 
F 4 HOH 14 155 155 HOH HOH B . 
F 4 HOH 15 157 157 HOH HOH B . 
F 4 HOH 16 158 158 HOH HOH B . 
F 4 HOH 17 159 159 HOH HOH B . 
F 4 HOH 18 161 161 HOH HOH B . 
F 4 HOH 19 162 162 HOH HOH B . 
F 4 HOH 20 163 163 HOH HOH B . 
F 4 HOH 21 166 166 HOH HOH B . 
F 4 HOH 22 170 170 HOH HOH B . 
F 4 HOH 23 171 171 HOH HOH B . 
F 4 HOH 24 173 173 HOH HOH B . 
F 4 HOH 25 174 174 HOH HOH B . 
F 4 HOH 26 176 176 HOH HOH B . 
F 4 HOH 27 179 179 HOH HOH B . 
F 4 HOH 28 180 180 HOH HOH B . 
F 4 HOH 29 182 182 HOH HOH B . 
# 
loop_
_software.name 
_software.classification 
_software.version 
_software.citation_id 
_software.pdbx_ordinal 
REFMAC    refinement       5.2.0005 ? 1 
DENZO     'data reduction' .        ? 2 
SCALEPACK 'data scaling'   .        ? 3 
# 
_cell.entry_id           1ZPI 
_cell.length_a           25.188 
_cell.length_b           39.868 
_cell.length_c           65.961 
_cell.angle_alpha        90.00 
_cell.angle_beta         90.00 
_cell.angle_gamma        90.00 
_cell.Z_PDB              8 
_cell.pdbx_unique_axis   ? 
# 
_symmetry.entry_id                         1ZPI 
_symmetry.space_group_name_H-M             'P 21 21 21' 
_symmetry.pdbx_full_space_group_name_H-M   ? 
_symmetry.cell_setting                     ? 
_symmetry.Int_Tables_number                19 
_symmetry.space_group_name_Hall            ? 
# 
_exptl.entry_id          1ZPI 
_exptl.method            'X-RAY DIFFRACTION' 
_exptl.crystals_number   1 
# 
_exptl_crystal.id                    1 
_exptl_crystal.density_meas          ? 
_exptl_crystal.density_Matthews      2.17 
_exptl_crystal.density_percent_sol   43.20 
_exptl_crystal.description           ? 
_exptl_crystal.F_000                 ? 
_exptl_crystal.preparation           ? 
# 
_exptl_crystal_grow.crystal_id      1 
_exptl_crystal_grow.method          'VAPOR DIFFUSION' 
_exptl_crystal_grow.temp            285 
_exptl_crystal_grow.temp_details    ? 
_exptl_crystal_grow.pH              7.0 
_exptl_crystal_grow.pdbx_details    'cacodylate, spermine, magnesium chloride, MPD, pH 7.0, VAPOR DIFFUSION, temperature 285K' 
_exptl_crystal_grow.pdbx_pH_range   . 
# 
loop_
_exptl_crystal_grow_comp.crystal_id 
_exptl_crystal_grow_comp.id 
_exptl_crystal_grow_comp.sol_id 
_exptl_crystal_grow_comp.name 
_exptl_crystal_grow_comp.volume 
_exptl_crystal_grow_comp.conc 
_exptl_crystal_grow_comp.details 
1 1 1 cacodylate           ? ? ? 
1 2 1 spermine             ? ? ? 
1 3 1 'magnesium chloride' ? ? ? 
1 4 1 MPD                  ? ? ? 
1 5 1 H2O                  ? ? ? 
1 6 2 cacodylate           ? ? ? 
1 7 2 'magnesium chloride' ? ? ? 
1 8 2 MPD                  ? ? ? 
1 9 2 H2O                  ? ? ? 
# 
_diffrn.id                     1 
_diffrn.ambient_temp           110 
_diffrn.ambient_temp_details   ? 
_diffrn.crystal_id             1 
# 
_diffrn_detector.diffrn_id              1 
_diffrn_detector.detector               'IMAGE PLATE' 
_diffrn_detector.type                   MARRESEARCH 
_diffrn_detector.pdbx_collection_date   2004-04-30 
_diffrn_detector.details                mirror 
# 
_diffrn_radiation.diffrn_id                        1 
_diffrn_radiation.wavelength_id                    1 
_diffrn_radiation.pdbx_monochromatic_or_laue_m_l   M 
_diffrn_radiation.monochromator                    ? 
_diffrn_radiation.pdbx_diffrn_protocol             'SINGLE WAVELENGTH' 
_diffrn_radiation.pdbx_scattering_type             x-ray 
# 
_diffrn_radiation_wavelength.id           1 
_diffrn_radiation_wavelength.wavelength   1.5418 
_diffrn_radiation_wavelength.wt           1.0 
# 
_diffrn_source.diffrn_id                   1 
_diffrn_source.source                      'ROTATING ANODE' 
_diffrn_source.type                        'RIGAKU RU200' 
_diffrn_source.pdbx_synchrotron_site       ? 
_diffrn_source.pdbx_synchrotron_beamline   ? 
_diffrn_source.pdbx_wavelength             ? 
_diffrn_source.pdbx_wavelength_list        1.5418 
# 
_reflns.entry_id                     1ZPI 
_reflns.observed_criterion_sigma_F   0 
_reflns.observed_criterion_sigma_I   0 
_reflns.d_resolution_high            1.6 
_reflns.d_resolution_low             50 
_reflns.number_all                   ? 
_reflns.number_obs                   9114 
_reflns.percent_possible_obs         98.2 
_reflns.pdbx_Rmerge_I_obs            0.0433 
_reflns.pdbx_Rsym_value              0.054 
_reflns.pdbx_netI_over_sigmaI        22.5 
_reflns.B_iso_Wilson_estimate        22.8 
_reflns.pdbx_redundancy              4.5 
_reflns.R_free_details               ? 
_reflns.pdbx_chi_squared             ? 
_reflns.pdbx_scaling_rejects         ? 
_reflns.pdbx_diffrn_id               1 
_reflns.pdbx_ordinal                 1 
# 
_reflns_shell.d_res_high             1.60 
_reflns_shell.d_res_low              1.66 
_reflns_shell.percent_possible_all   94.3 
_reflns_shell.Rmerge_I_obs           ? 
_reflns_shell.pdbx_Rsym_value        0.389 
_reflns_shell.meanI_over_sigI_obs    2.5 
_reflns_shell.pdbx_redundancy        3.6 
_reflns_shell.percent_possible_obs   ? 
_reflns_shell.number_unique_all      841 
_reflns_shell.number_measured_all    ? 
_reflns_shell.number_measured_obs    ? 
_reflns_shell.number_unique_obs      ? 
_reflns_shell.pdbx_chi_squared       ? 
_reflns_shell.pdbx_diffrn_id         ? 
_reflns_shell.pdbx_ordinal           1 
# 
_refine.entry_id                                 1ZPI 
_refine.ls_number_reflns_obs                     8331 
_refine.ls_number_reflns_all                     9114 
_refine.pdbx_ls_sigma_I                          ? 
_refine.pdbx_ls_sigma_F                          0 
_refine.pdbx_data_cutoff_high_absF               ? 
_refine.pdbx_data_cutoff_low_absF                ? 
_refine.pdbx_data_cutoff_high_rms_absF           ? 
_refine.ls_d_res_low                             34.10 
_refine.ls_d_res_high                            1.60 
_refine.ls_percent_reflns_obs                    98.27 
_refine.ls_R_factor_obs                          0.225 
_refine.ls_R_factor_all                          0.225 
_refine.ls_R_factor_R_work                       0.22217 
_refine.ls_R_factor_R_free                       0.25832 
_refine.ls_R_factor_R_free_error                 ? 
_refine.ls_R_factor_R_free_error_details         ? 
_refine.ls_percent_reflns_R_free                 8.2 
_refine.ls_number_reflns_R_free                  747 
_refine.ls_number_parameters                     ? 
_refine.ls_number_restraints                     ? 
_refine.occupancy_min                            ? 
_refine.occupancy_max                            ? 
_refine.correlation_coeff_Fo_to_Fc               0.959 
_refine.correlation_coeff_Fo_to_Fc_free          0.952 
_refine.B_iso_mean                               26.529 
_refine.aniso_B[1][1]                            2.95 
_refine.aniso_B[2][2]                            -1.41 
_refine.aniso_B[3][3]                            -1.54 
_refine.aniso_B[1][2]                            0.00 
_refine.aniso_B[1][3]                            0.00 
_refine.aniso_B[2][3]                            0.00 
_refine.solvent_model_details                    'BABINET MODEL WITH MASK' 
_refine.solvent_model_param_ksol                 ? 
_refine.solvent_model_param_bsol                 ? 
_refine.pdbx_solvent_vdw_probe_radii             1.20 
_refine.pdbx_solvent_ion_probe_radii             0.80 
_refine.pdbx_solvent_shrinkage_radii             0.80 
_refine.pdbx_ls_cross_valid_method               THROUGHOUT 
_refine.details                                  'HYDROGENS HAVE BEEN ADDED IN THE RIDING POSITIONS' 
_refine.pdbx_starting_model                      BD0007 
_refine.pdbx_method_to_determine_struct          refinement 
_refine.pdbx_isotropic_thermal_model             ? 
_refine.pdbx_stereochemistry_target_values       'MAXIMUM LIKELIHOOD' 
_refine.pdbx_stereochem_target_val_spec_case     ? 
_refine.pdbx_R_Free_selection_details            RANDOM 
_refine.pdbx_overall_ESU_R                       0.122 
_refine.pdbx_overall_ESU_R_Free                  0.118 
_refine.overall_SU_ML                            0.100 
_refine.overall_SU_B                             2.976 
_refine.ls_redundancy_reflns_obs                 ? 
_refine.overall_SU_R_Cruickshank_DPI             ? 
_refine.overall_SU_R_free                        ? 
_refine.ls_wR_factor_R_free                      ? 
_refine.ls_wR_factor_R_work                      ? 
_refine.overall_FOM_free_R_set                   ? 
_refine.overall_FOM_work_R_set                   ? 
_refine.pdbx_refine_id                           'X-RAY DIFFRACTION' 
_refine.pdbx_diffrn_id                           1 
_refine.pdbx_TLS_residual_ADP_flag               ? 
_refine.pdbx_overall_phase_error                 ? 
_refine.pdbx_overall_SU_R_free_Cruickshank_DPI   ? 
_refine.pdbx_overall_SU_R_Blow_DPI               ? 
_refine.pdbx_overall_SU_R_free_Blow_DPI          ? 
# 
_refine_hist.pdbx_refine_id                   'X-RAY DIFFRACTION' 
_refine_hist.cycle_id                         LAST 
_refine_hist.pdbx_number_atoms_protein        0 
_refine_hist.pdbx_number_atoms_nucleic_acid   522 
_refine_hist.pdbx_number_atoms_ligand         38 
_refine_hist.number_atoms_solvent             76 
_refine_hist.number_atoms_total               636 
_refine_hist.d_res_high                       1.60 
_refine_hist.d_res_low                        34.10 
# 
loop_
_refine_ls_restr.type 
_refine_ls_restr.dev_ideal 
_refine_ls_restr.dev_ideal_target 
_refine_ls_restr.weight 
_refine_ls_restr.number 
_refine_ls_restr.pdbx_refine_id 
_refine_ls_restr.pdbx_restraint_function 
r_bond_refined_d             0.017 0.021 ? 631 'X-RAY DIFFRACTION' ? 
r_bond_other_d               0.002 0.020 ? 279 'X-RAY DIFFRACTION' ? 
r_angle_refined_deg          1.693 2.999 ? 977 'X-RAY DIFFRACTION' ? 
r_angle_other_deg            1.353 3.013 ? 678 'X-RAY DIFFRACTION' ? 
r_dihedral_angle_1_deg       ?     ?     ? ?   'X-RAY DIFFRACTION' ? 
r_dihedral_angle_2_deg       ?     ?     ? ?   'X-RAY DIFFRACTION' ? 
r_dihedral_angle_3_deg       ?     ?     ? ?   'X-RAY DIFFRACTION' ? 
r_dihedral_angle_4_deg       ?     ?     ? ?   'X-RAY DIFFRACTION' ? 
r_chiral_restr               0.093 0.200 ? 112 'X-RAY DIFFRACTION' ? 
r_gen_planes_refined         0.017 0.020 ? 314 'X-RAY DIFFRACTION' ? 
r_gen_planes_other           0.002 0.020 ? 3   'X-RAY DIFFRACTION' ? 
r_nbd_refined                0.181 0.200 ? 76  'X-RAY DIFFRACTION' ? 
r_nbd_other                  0.232 0.200 ? 346 'X-RAY DIFFRACTION' ? 
r_nbtor_refined              0.256 0.200 ? 227 'X-RAY DIFFRACTION' ? 
r_nbtor_other                0.093 0.200 ? 161 'X-RAY DIFFRACTION' ? 
r_xyhbond_nbd_refined        0.154 0.200 ? 56  'X-RAY DIFFRACTION' ? 
r_xyhbond_nbd_other          ?     ?     ? ?   'X-RAY DIFFRACTION' ? 
r_metal_ion_refined          0.046 0.200 ? 1   'X-RAY DIFFRACTION' ? 
r_metal_ion_other            ?     ?     ? ?   'X-RAY DIFFRACTION' ? 
r_symmetry_vdw_refined       0.070 0.200 ? 7   'X-RAY DIFFRACTION' ? 
r_symmetry_vdw_other         0.170 0.200 ? 31  'X-RAY DIFFRACTION' ? 
r_symmetry_hbond_refined     0.159 0.200 ? 9   'X-RAY DIFFRACTION' ? 
r_symmetry_hbond_other       ?     ?     ? ?   'X-RAY DIFFRACTION' ? 
r_symmetry_metal_ion_refined ?     ?     ? ?   'X-RAY DIFFRACTION' ? 
r_symmetry_metal_ion_other   ?     ?     ? ?   'X-RAY DIFFRACTION' ? 
r_mcbond_it                  ?     ?     ? ?   'X-RAY DIFFRACTION' ? 
r_mcbond_other               ?     ?     ? ?   'X-RAY DIFFRACTION' ? 
r_mcangle_it                 ?     ?     ? ?   'X-RAY DIFFRACTION' ? 
r_scbond_it                  5.923 2.000 ? 908 'X-RAY DIFFRACTION' ? 
r_scangle_it                 7.002 3.000 ? 975 'X-RAY DIFFRACTION' ? 
r_rigid_bond_restr           ?     ?     ? ?   'X-RAY DIFFRACTION' ? 
r_sphericity_free            ?     ?     ? ?   'X-RAY DIFFRACTION' ? 
r_sphericity_bonded          ?     ?     ? ?   'X-RAY DIFFRACTION' ? 
# 
_refine_ls_shell.pdbx_total_number_of_bins_used   20 
_refine_ls_shell.d_res_high                       1.60 
_refine_ls_shell.d_res_low                        1.643 
_refine_ls_shell.number_reflns_R_work             586 
_refine_ls_shell.R_factor_R_work                  0.335 
_refine_ls_shell.percent_reflns_obs               93.87 
_refine_ls_shell.R_factor_R_free                  0.389 
_refine_ls_shell.R_factor_R_free_error            ? 
_refine_ls_shell.percent_reflns_R_free            ? 
_refine_ls_shell.number_reflns_R_free             42 
_refine_ls_shell.redundancy_reflns_obs            ? 
_refine_ls_shell.pdbx_refine_id                   'X-RAY DIFFRACTION' 
_refine_ls_shell.number_reflns_all                ? 
_refine_ls_shell.R_factor_all                     ? 
# 
_struct.entry_id                  1ZPI 
_struct.title                     
'Crystal structure analysis of the minor groove binding quinolinium quaternary salt SN 8224 complexed with CGCGAATTCGCG' 
_struct.pdbx_model_details        ? 
_struct.pdbx_CASP_flag            ? 
_struct.pdbx_model_type_details   ? 
# 
_struct_keywords.entry_id        1ZPI 
_struct_keywords.pdbx_keywords   DNA 
_struct_keywords.text            'B-DNA, dodecamer, minor groove binding complex, DNA' 
# 
loop_
_struct_asym.id 
_struct_asym.pdbx_blank_PDB_chainid_flag 
_struct_asym.pdbx_modified 
_struct_asym.entity_id 
_struct_asym.details 
A N N 1 ? 
B N N 1 ? 
C N N 2 ? 
D N N 3 ? 
E N N 4 ? 
F N N 4 ? 
# 
_struct_ref.id                         1 
_struct_ref.entity_id                  1 
_struct_ref.db_name                    PDB 
_struct_ref.db_code                    1ZPI 
_struct_ref.pdbx_db_accession          1ZPI 
_struct_ref.pdbx_db_isoform            ? 
_struct_ref.pdbx_seq_one_letter_code   ? 
_struct_ref.pdbx_align_begin           ? 
# 
loop_
_struct_ref_seq.align_id 
_struct_ref_seq.ref_id 
_struct_ref_seq.pdbx_PDB_id_code 
_struct_ref_seq.pdbx_strand_id 
_struct_ref_seq.seq_align_beg 
_struct_ref_seq.pdbx_seq_align_beg_ins_code 
_struct_ref_seq.seq_align_end 
_struct_ref_seq.pdbx_seq_align_end_ins_code 
_struct_ref_seq.pdbx_db_accession 
_struct_ref_seq.db_align_beg 
_struct_ref_seq.pdbx_db_align_beg_ins_code 
_struct_ref_seq.db_align_end 
_struct_ref_seq.pdbx_db_align_end_ins_code 
_struct_ref_seq.pdbx_auth_seq_align_beg 
_struct_ref_seq.pdbx_auth_seq_align_end 
1 1 1ZPI A 1 ? 12 ? 1ZPI 1  ? 12 ? 1  12 
2 1 1ZPI B 1 ? 12 ? 1ZPI 13 ? 24 ? 13 24 
# 
_pdbx_struct_assembly.id                   1 
_pdbx_struct_assembly.details              author_defined_assembly 
_pdbx_struct_assembly.method_details       ? 
_pdbx_struct_assembly.oligomeric_details   dimeric 
_pdbx_struct_assembly.oligomeric_count     2 
# 
_pdbx_struct_assembly_gen.assembly_id       1 
_pdbx_struct_assembly_gen.oper_expression   1 
_pdbx_struct_assembly_gen.asym_id_list      A,B,C,D,E,F 
# 
_pdbx_struct_oper_list.id                   1 
_pdbx_struct_oper_list.type                 'identity operation' 
_pdbx_struct_oper_list.name                 1_555 
_pdbx_struct_oper_list.symmetry_operation   x,y,z 
_pdbx_struct_oper_list.matrix[1][1]         1.0000000000 
_pdbx_struct_oper_list.matrix[1][2]         0.0000000000 
_pdbx_struct_oper_list.matrix[1][3]         0.0000000000 
_pdbx_struct_oper_list.vector[1]            0.0000000000 
_pdbx_struct_oper_list.matrix[2][1]         0.0000000000 
_pdbx_struct_oper_list.matrix[2][2]         1.0000000000 
_pdbx_struct_oper_list.matrix[2][3]         0.0000000000 
_pdbx_struct_oper_list.vector[2]            0.0000000000 
_pdbx_struct_oper_list.matrix[3][1]         0.0000000000 
_pdbx_struct_oper_list.matrix[3][2]         0.0000000000 
_pdbx_struct_oper_list.matrix[3][3]         1.0000000000 
_pdbx_struct_oper_list.vector[3]            0.0000000000 
# 
_struct_biol.id                    1 
_struct_biol.pdbx_parent_biol_id   ? 
_struct_biol.details               ? 
# 
loop_
_struct_conn.id 
_struct_conn.conn_type_id 
_struct_conn.pdbx_leaving_atom_flag 
_struct_conn.pdbx_PDB_id 
_struct_conn.ptnr1_label_asym_id 
_struct_conn.ptnr1_label_comp_id 
_struct_conn.ptnr1_label_seq_id 
_struct_conn.ptnr1_label_atom_id 
_struct_conn.pdbx_ptnr1_label_alt_id 
_struct_conn.pdbx_ptnr1_PDB_ins_code 
_struct_conn.pdbx_ptnr1_standard_comp_id 
_struct_conn.ptnr1_symmetry 
_struct_conn.ptnr2_label_asym_id 
_struct_conn.ptnr2_label_comp_id 
_struct_conn.ptnr2_label_seq_id 
_struct_conn.ptnr2_label_atom_id 
_struct_conn.pdbx_ptnr2_label_alt_id 
_struct_conn.pdbx_ptnr2_PDB_ins_code 
_struct_conn.ptnr1_auth_asym_id 
_struct_conn.ptnr1_auth_comp_id 
_struct_conn.ptnr1_auth_seq_id 
_struct_conn.ptnr2_auth_asym_id 
_struct_conn.ptnr2_auth_comp_id 
_struct_conn.ptnr2_auth_seq_id 
_struct_conn.ptnr2_symmetry 
_struct_conn.pdbx_ptnr3_label_atom_id 
_struct_conn.pdbx_ptnr3_label_seq_id 
_struct_conn.pdbx_ptnr3_label_comp_id 
_struct_conn.pdbx_ptnr3_label_asym_id 
_struct_conn.pdbx_ptnr3_label_alt_id 
_struct_conn.pdbx_ptnr3_PDB_ins_code 
_struct_conn.details 
_struct_conn.pdbx_dist_value 
_struct_conn.pdbx_value_order 
_struct_conn.pdbx_role 
metalc1  metalc ? ? C MG .  MG ? ? ? 1_555 E HOH .  O  ? ? A MG 100 A HOH 102 1_555 ? ? ? ? ? ? ?            2.002 ? ? 
metalc2  metalc ? ? C MG .  MG ? ? ? 1_555 E HOH .  O  ? ? A MG 100 A HOH 104 1_555 ? ? ? ? ? ? ?            2.033 ? ? 
metalc3  metalc ? ? C MG .  MG ? ? ? 1_555 E HOH .  O  ? ? A MG 100 A HOH 116 1_555 ? ? ? ? ? ? ?            1.945 ? ? 
metalc4  metalc ? ? C MG .  MG ? ? ? 1_555 E HOH .  O  ? ? A MG 100 A HOH 144 1_555 ? ? ? ? ? ? ?            2.046 ? ? 
metalc5  metalc ? ? C MG .  MG ? ? ? 1_555 F HOH .  O  ? ? A MG 100 B HOH 113 1_555 ? ? ? ? ? ? ?            2.108 ? ? 
metalc6  metalc ? ? C MG .  MG ? ? ? 1_555 F HOH .  O  ? ? A MG 100 B HOH 115 1_555 ? ? ? ? ? ? ?            2.043 ? ? 
hydrog1  hydrog ? ? A DC 1  N3 ? ? ? 1_555 B DG  12 N1 ? ? A DC 1   B DG  24  1_555 ? ? ? ? ? ? WATSON-CRICK ?     ? ? 
hydrog2  hydrog ? ? A DC 1  N4 ? ? ? 1_555 B DG  12 O6 ? ? A DC 1   B DG  24  1_555 ? ? ? ? ? ? WATSON-CRICK ?     ? ? 
hydrog3  hydrog ? ? A DC 1  O2 ? ? ? 1_555 B DG  12 N2 ? ? A DC 1   B DG  24  1_555 ? ? ? ? ? ? WATSON-CRICK ?     ? ? 
hydrog4  hydrog ? ? A DG 2  N1 ? ? ? 1_555 B DC  11 N3 ? ? A DG 2   B DC  23  1_555 ? ? ? ? ? ? WATSON-CRICK ?     ? ? 
hydrog5  hydrog ? ? A DG 2  N2 ? ? ? 1_555 B DC  11 O2 ? ? A DG 2   B DC  23  1_555 ? ? ? ? ? ? WATSON-CRICK ?     ? ? 
hydrog6  hydrog ? ? A DG 2  O6 ? ? ? 1_555 B DC  11 N4 ? ? A DG 2   B DC  23  1_555 ? ? ? ? ? ? WATSON-CRICK ?     ? ? 
hydrog7  hydrog ? ? A DC 3  N3 ? ? ? 1_555 B DG  10 N1 ? ? A DC 3   B DG  22  1_555 ? ? ? ? ? ? WATSON-CRICK ?     ? ? 
hydrog8  hydrog ? ? A DC 3  N4 ? ? ? 1_555 B DG  10 O6 ? ? A DC 3   B DG  22  1_555 ? ? ? ? ? ? WATSON-CRICK ?     ? ? 
hydrog9  hydrog ? ? A DC 3  O2 ? ? ? 1_555 B DG  10 N2 ? ? A DC 3   B DG  22  1_555 ? ? ? ? ? ? WATSON-CRICK ?     ? ? 
hydrog10 hydrog ? ? A DG 4  N1 ? ? ? 1_555 B DC  9  N3 ? ? A DG 4   B DC  21  1_555 ? ? ? ? ? ? WATSON-CRICK ?     ? ? 
hydrog11 hydrog ? ? A DG 4  N2 ? ? ? 1_555 B DC  9  O2 ? ? A DG 4   B DC  21  1_555 ? ? ? ? ? ? WATSON-CRICK ?     ? ? 
hydrog12 hydrog ? ? A DG 4  O6 ? ? ? 1_555 B DC  9  N4 ? ? A DG 4   B DC  21  1_555 ? ? ? ? ? ? WATSON-CRICK ?     ? ? 
hydrog13 hydrog ? ? A DA 5  N1 ? ? ? 1_555 B DT  8  N3 ? ? A DA 5   B DT  20  1_555 ? ? ? ? ? ? WATSON-CRICK ?     ? ? 
hydrog14 hydrog ? ? A DA 5  N6 ? ? ? 1_555 B DT  8  O4 ? ? A DA 5   B DT  20  1_555 ? ? ? ? ? ? WATSON-CRICK ?     ? ? 
hydrog15 hydrog ? ? A DA 6  N1 ? ? ? 1_555 B DT  7  N3 ? ? A DA 6   B DT  19  1_555 ? ? ? ? ? ? WATSON-CRICK ?     ? ? 
hydrog16 hydrog ? ? A DA 6  N6 ? ? ? 1_555 B DT  7  O4 ? ? A DA 6   B DT  19  1_555 ? ? ? ? ? ? WATSON-CRICK ?     ? ? 
hydrog17 hydrog ? ? A DT 7  N3 ? ? ? 1_555 B DA  6  N1 ? ? A DT 7   B DA  18  1_555 ? ? ? ? ? ? WATSON-CRICK ?     ? ? 
hydrog18 hydrog ? ? A DT 7  O4 ? ? ? 1_555 B DA  6  N6 ? ? A DT 7   B DA  18  1_555 ? ? ? ? ? ? WATSON-CRICK ?     ? ? 
hydrog19 hydrog ? ? A DT 8  N3 ? ? ? 1_555 B DA  5  N1 ? ? A DT 8   B DA  17  1_555 ? ? ? ? ? ? WATSON-CRICK ?     ? ? 
hydrog20 hydrog ? ? A DT 8  O4 ? ? ? 1_555 B DA  5  N6 ? ? A DT 8   B DA  17  1_555 ? ? ? ? ? ? WATSON-CRICK ?     ? ? 
hydrog21 hydrog ? ? A DC 9  N3 ? ? ? 1_555 B DG  4  N1 ? ? A DC 9   B DG  16  1_555 ? ? ? ? ? ? WATSON-CRICK ?     ? ? 
hydrog22 hydrog ? ? A DC 9  N4 ? ? ? 1_555 B DG  4  O6 ? ? A DC 9   B DG  16  1_555 ? ? ? ? ? ? WATSON-CRICK ?     ? ? 
hydrog23 hydrog ? ? A DC 9  O2 ? ? ? 1_555 B DG  4  N2 ? ? A DC 9   B DG  16  1_555 ? ? ? ? ? ? WATSON-CRICK ?     ? ? 
hydrog24 hydrog ? ? A DG 10 N1 ? ? ? 1_555 B DC  3  N3 ? ? A DG 10  B DC  15  1_555 ? ? ? ? ? ? WATSON-CRICK ?     ? ? 
hydrog25 hydrog ? ? A DG 10 N2 ? ? ? 1_555 B DC  3  O2 ? ? A DG 10  B DC  15  1_555 ? ? ? ? ? ? WATSON-CRICK ?     ? ? 
hydrog26 hydrog ? ? A DG 10 O6 ? ? ? 1_555 B DC  3  N4 ? ? A DG 10  B DC  15  1_555 ? ? ? ? ? ? WATSON-CRICK ?     ? ? 
hydrog27 hydrog ? ? A DC 11 N3 ? ? ? 1_555 B DG  2  N1 ? ? A DC 11  B DG  14  1_555 ? ? ? ? ? ? WATSON-CRICK ?     ? ? 
hydrog28 hydrog ? ? A DC 11 N4 ? ? ? 1_555 B DG  2  O6 ? ? A DC 11  B DG  14  1_555 ? ? ? ? ? ? WATSON-CRICK ?     ? ? 
hydrog29 hydrog ? ? A DC 11 O2 ? ? ? 1_555 B DG  2  N2 ? ? A DC 11  B DG  14  1_555 ? ? ? ? ? ? WATSON-CRICK ?     ? ? 
hydrog30 hydrog ? ? A DG 12 N1 ? ? ? 1_555 B DC  1  N3 ? ? A DG 12  B DC  13  1_555 ? ? ? ? ? ? WATSON-CRICK ?     ? ? 
hydrog31 hydrog ? ? A DG 12 N2 ? ? ? 1_555 B DC  1  O2 ? ? A DG 12  B DC  13  1_555 ? ? ? ? ? ? WATSON-CRICK ?     ? ? 
hydrog32 hydrog ? ? A DG 12 O6 ? ? ? 1_555 B DC  1  N4 ? ? A DG 12  B DC  13  1_555 ? ? ? ? ? ? WATSON-CRICK ?     ? ? 
# 
loop_
_struct_conn_type.id 
_struct_conn_type.criteria 
_struct_conn_type.reference 
metalc ? ? 
hydrog ? ? 
# 
loop_
_pdbx_struct_conn_angle.id 
_pdbx_struct_conn_angle.ptnr1_label_atom_id 
_pdbx_struct_conn_angle.ptnr1_label_alt_id 
_pdbx_struct_conn_angle.ptnr1_label_asym_id 
_pdbx_struct_conn_angle.ptnr1_label_comp_id 
_pdbx_struct_conn_angle.ptnr1_label_seq_id 
_pdbx_struct_conn_angle.ptnr1_auth_atom_id 
_pdbx_struct_conn_angle.ptnr1_auth_asym_id 
_pdbx_struct_conn_angle.ptnr1_auth_comp_id 
_pdbx_struct_conn_angle.ptnr1_auth_seq_id 
_pdbx_struct_conn_angle.ptnr1_PDB_ins_code 
_pdbx_struct_conn_angle.ptnr1_symmetry 
_pdbx_struct_conn_angle.ptnr2_label_atom_id 
_pdbx_struct_conn_angle.ptnr2_label_alt_id 
_pdbx_struct_conn_angle.ptnr2_label_asym_id 
_pdbx_struct_conn_angle.ptnr2_label_comp_id 
_pdbx_struct_conn_angle.ptnr2_label_seq_id 
_pdbx_struct_conn_angle.ptnr2_auth_atom_id 
_pdbx_struct_conn_angle.ptnr2_auth_asym_id 
_pdbx_struct_conn_angle.ptnr2_auth_comp_id 
_pdbx_struct_conn_angle.ptnr2_auth_seq_id 
_pdbx_struct_conn_angle.ptnr2_PDB_ins_code 
_pdbx_struct_conn_angle.ptnr2_symmetry 
_pdbx_struct_conn_angle.ptnr3_label_atom_id 
_pdbx_struct_conn_angle.ptnr3_label_alt_id 
_pdbx_struct_conn_angle.ptnr3_label_asym_id 
_pdbx_struct_conn_angle.ptnr3_label_comp_id 
_pdbx_struct_conn_angle.ptnr3_label_seq_id 
_pdbx_struct_conn_angle.ptnr3_auth_atom_id 
_pdbx_struct_conn_angle.ptnr3_auth_asym_id 
_pdbx_struct_conn_angle.ptnr3_auth_comp_id 
_pdbx_struct_conn_angle.ptnr3_auth_seq_id 
_pdbx_struct_conn_angle.ptnr3_PDB_ins_code 
_pdbx_struct_conn_angle.ptnr3_symmetry 
_pdbx_struct_conn_angle.value 
_pdbx_struct_conn_angle.value_esd 
1  O ? E HOH . ? A HOH 102 ? 1_555 MG ? C MG . ? A MG 100 ? 1_555 O ? E HOH . ? A HOH 104 ? 1_555 92.1  ? 
2  O ? E HOH . ? A HOH 102 ? 1_555 MG ? C MG . ? A MG 100 ? 1_555 O ? E HOH . ? A HOH 116 ? 1_555 177.6 ? 
3  O ? E HOH . ? A HOH 104 ? 1_555 MG ? C MG . ? A MG 100 ? 1_555 O ? E HOH . ? A HOH 116 ? 1_555 85.5  ? 
4  O ? E HOH . ? A HOH 102 ? 1_555 MG ? C MG . ? A MG 100 ? 1_555 O ? E HOH . ? A HOH 144 ? 1_555 89.0  ? 
5  O ? E HOH . ? A HOH 104 ? 1_555 MG ? C MG . ? A MG 100 ? 1_555 O ? E HOH . ? A HOH 144 ? 1_555 90.5  ? 
6  O ? E HOH . ? A HOH 116 ? 1_555 MG ? C MG . ? A MG 100 ? 1_555 O ? E HOH . ? A HOH 144 ? 1_555 91.5  ? 
7  O ? E HOH . ? A HOH 102 ? 1_555 MG ? C MG . ? A MG 100 ? 1_555 O ? F HOH . ? B HOH 113 ? 1_555 93.5  ? 
8  O ? E HOH . ? A HOH 104 ? 1_555 MG ? C MG . ? A MG 100 ? 1_555 O ? F HOH . ? B HOH 113 ? 1_555 174.2 ? 
9  O ? E HOH . ? A HOH 116 ? 1_555 MG ? C MG . ? A MG 100 ? 1_555 O ? F HOH . ? B HOH 113 ? 1_555 88.9  ? 
10 O ? E HOH . ? A HOH 144 ? 1_555 MG ? C MG . ? A MG 100 ? 1_555 O ? F HOH . ? B HOH 113 ? 1_555 88.2  ? 
11 O ? E HOH . ? A HOH 102 ? 1_555 MG ? C MG . ? A MG 100 ? 1_555 O ? F HOH . ? B HOH 115 ? 1_555 94.6  ? 
12 O ? E HOH . ? A HOH 104 ? 1_555 MG ? C MG . ? A MG 100 ? 1_555 O ? F HOH . ? B HOH 115 ? 1_555 96.6  ? 
13 O ? E HOH . ? A HOH 116 ? 1_555 MG ? C MG . ? A MG 100 ? 1_555 O ? F HOH . ? B HOH 115 ? 1_555 85.2  ? 
14 O ? E HOH . ? A HOH 144 ? 1_555 MG ? C MG . ? A MG 100 ? 1_555 O ? F HOH . ? B HOH 115 ? 1_555 171.9 ? 
15 O ? F HOH . ? B HOH 113 ? 1_555 MG ? C MG . ? A MG 100 ? 1_555 O ? F HOH . ? B HOH 115 ? 1_555 84.4  ? 
# 
loop_
_struct_site.id 
_struct_site.pdbx_evidence_code 
_struct_site.pdbx_auth_asym_id 
_struct_site.pdbx_auth_comp_id 
_struct_site.pdbx_auth_seq_id 
_struct_site.pdbx_auth_ins_code 
_struct_site.pdbx_num_residues 
_struct_site.details 
AC1 Software B SN9 200 ? 14 'BINDING SITE FOR RESIDUE SN9 B 200' 
AC2 Software A MG  100 ? 6  'BINDING SITE FOR RESIDUE MG A 100'  
1   ?        ? ?   ?   ? ?  ?                                    
# 
loop_
_struct_site_gen.id 
_struct_site_gen.site_id 
_struct_site_gen.pdbx_num_res 
_struct_site_gen.label_comp_id 
_struct_site_gen.label_asym_id 
_struct_site_gen.label_seq_id 
_struct_site_gen.pdbx_auth_ins_code 
_struct_site_gen.auth_comp_id 
_struct_site_gen.auth_asym_id 
_struct_site_gen.auth_seq_id 
_struct_site_gen.label_atom_id 
_struct_site_gen.label_alt_id 
_struct_site_gen.symmetry 
_struct_site_gen.details 
1  AC1 14 DG  A 4  ? DG  A 4   . ? 1_555 ? 
2  AC1 14 DA  A 5  ? DA  A 5   . ? 1_555 ? 
3  AC1 14 DA  A 6  ? DA  A 6   . ? 1_555 ? 
4  AC1 14 DT  A 7  ? DT  A 7   . ? 1_555 ? 
5  AC1 14 DT  A 8  ? DT  A 8   . ? 1_555 ? 
6  AC1 14 DC  A 9  ? DC  A 9   . ? 1_555 ? 
7  AC1 14 DG  A 12 ? DG  A 12  . ? 2_554 ? 
8  AC1 14 HOH E .  ? HOH A 151 . ? 3_645 ? 
9  AC1 14 DA  B 6  ? DA  B 18  . ? 1_555 ? 
10 AC1 14 DT  B 7  ? DT  B 19  . ? 1_555 ? 
11 AC1 14 DT  B 8  ? DT  B 20  . ? 1_555 ? 
12 AC1 14 DC  B 9  ? DC  B 21  . ? 1_555 ? 
13 AC1 14 DG  B 10 ? DG  B 22  . ? 1_555 ? 
14 AC1 14 DC  B 11 ? DC  B 23  . ? 1_555 ? 
15 AC2 6  HOH E .  ? HOH A 102 . ? 1_555 ? 
16 AC2 6  HOH E .  ? HOH A 104 . ? 1_555 ? 
17 AC2 6  HOH E .  ? HOH A 116 . ? 1_555 ? 
18 AC2 6  HOH E .  ? HOH A 144 . ? 1_555 ? 
19 AC2 6  HOH F .  ? HOH B 113 . ? 1_555 ? 
20 AC2 6  HOH F .  ? HOH B 115 . ? 1_555 ? 
# 
loop_
_pdbx_validate_rmsd_bond.id 
_pdbx_validate_rmsd_bond.PDB_model_num 
_pdbx_validate_rmsd_bond.auth_atom_id_1 
_pdbx_validate_rmsd_bond.auth_asym_id_1 
_pdbx_validate_rmsd_bond.auth_comp_id_1 
_pdbx_validate_rmsd_bond.auth_seq_id_1 
_pdbx_validate_rmsd_bond.PDB_ins_code_1 
_pdbx_validate_rmsd_bond.label_alt_id_1 
_pdbx_validate_rmsd_bond.auth_atom_id_2 
_pdbx_validate_rmsd_bond.auth_asym_id_2 
_pdbx_validate_rmsd_bond.auth_comp_id_2 
_pdbx_validate_rmsd_bond.auth_seq_id_2 
_pdbx_validate_rmsd_bond.PDB_ins_code_2 
_pdbx_validate_rmsd_bond.label_alt_id_2 
_pdbx_validate_rmsd_bond.bond_value 
_pdbx_validate_rmsd_bond.bond_target_value 
_pdbx_validate_rmsd_bond.bond_deviation 
_pdbx_validate_rmsd_bond.bond_standard_deviation 
_pdbx_validate_rmsd_bond.linker_flag 
1 1 "O3'" A DC 11 ? ? "C3'" A DC 11 ? ? 1.382 1.419 -0.037 0.006 N 
2 1 "O3'" B DC 13 ? A "C3'" B DC 13 ? A 1.359 1.419 -0.060 0.006 N 
3 1 "O3'" B DT 20 ? ? "C3'" B DT 20 ? ? 1.371 1.419 -0.048 0.006 N 
# 
loop_
_pdbx_validate_rmsd_angle.id 
_pdbx_validate_rmsd_angle.PDB_model_num 
_pdbx_validate_rmsd_angle.auth_atom_id_1 
_pdbx_validate_rmsd_angle.auth_asym_id_1 
_pdbx_validate_rmsd_angle.auth_comp_id_1 
_pdbx_validate_rmsd_angle.auth_seq_id_1 
_pdbx_validate_rmsd_angle.PDB_ins_code_1 
_pdbx_validate_rmsd_angle.label_alt_id_1 
_pdbx_validate_rmsd_angle.auth_atom_id_2 
_pdbx_validate_rmsd_angle.auth_asym_id_2 
_pdbx_validate_rmsd_angle.auth_comp_id_2 
_pdbx_validate_rmsd_angle.auth_seq_id_2 
_pdbx_validate_rmsd_angle.PDB_ins_code_2 
_pdbx_validate_rmsd_angle.label_alt_id_2 
_pdbx_validate_rmsd_angle.auth_atom_id_3 
_pdbx_validate_rmsd_angle.auth_asym_id_3 
_pdbx_validate_rmsd_angle.auth_comp_id_3 
_pdbx_validate_rmsd_angle.auth_seq_id_3 
_pdbx_validate_rmsd_angle.PDB_ins_code_3 
_pdbx_validate_rmsd_angle.label_alt_id_3 
_pdbx_validate_rmsd_angle.angle_value 
_pdbx_validate_rmsd_angle.angle_target_value 
_pdbx_validate_rmsd_angle.angle_deviation 
_pdbx_validate_rmsd_angle.angle_standard_deviation 
_pdbx_validate_rmsd_angle.linker_flag 
1 1 "O4'" A DT 8  ? ? "C1'" A DT 8  ? ? N1 A DT 8  ? ? 110.33 108.30 2.03 0.30 N 
2 1 "O4'" A DG 10 ? ? "C1'" A DG 10 ? ? N9 A DG 10 ? ? 110.79 108.30 2.49 0.30 N 
3 1 "O4'" B DC 13 ? A "C1'" B DC 13 ? A N1 B DC 13 ? ? 112.19 108.30 3.89 0.30 N 
# 
_struct_site_keywords.site_id   1 
_struct_site_keywords.text      'minor groove binder' 
# 
loop_
_chem_comp_atom.comp_id 
_chem_comp_atom.atom_id 
_chem_comp_atom.type_symbol 
_chem_comp_atom.pdbx_aromatic_flag 
_chem_comp_atom.pdbx_stereo_config 
_chem_comp_atom.pdbx_ordinal 
DA  OP3    O  N N 1   
DA  P      P  N N 2   
DA  OP1    O  N N 3   
DA  OP2    O  N N 4   
DA  "O5'"  O  N N 5   
DA  "C5'"  C  N N 6   
DA  "C4'"  C  N R 7   
DA  "O4'"  O  N N 8   
DA  "C3'"  C  N S 9   
DA  "O3'"  O  N N 10  
DA  "C2'"  C  N N 11  
DA  "C1'"  C  N R 12  
DA  N9     N  Y N 13  
DA  C8     C  Y N 14  
DA  N7     N  Y N 15  
DA  C5     C  Y N 16  
DA  C6     C  Y N 17  
DA  N6     N  N N 18  
DA  N1     N  Y N 19  
DA  C2     C  Y N 20  
DA  N3     N  Y N 21  
DA  C4     C  Y N 22  
DA  HOP3   H  N N 23  
DA  HOP2   H  N N 24  
DA  "H5'"  H  N N 25  
DA  "H5''" H  N N 26  
DA  "H4'"  H  N N 27  
DA  "H3'"  H  N N 28  
DA  "HO3'" H  N N 29  
DA  "H2'"  H  N N 30  
DA  "H2''" H  N N 31  
DA  "H1'"  H  N N 32  
DA  H8     H  N N 33  
DA  H61    H  N N 34  
DA  H62    H  N N 35  
DA  H2     H  N N 36  
DC  OP3    O  N N 37  
DC  P      P  N N 38  
DC  OP1    O  N N 39  
DC  OP2    O  N N 40  
DC  "O5'"  O  N N 41  
DC  "C5'"  C  N N 42  
DC  "C4'"  C  N R 43  
DC  "O4'"  O  N N 44  
DC  "C3'"  C  N S 45  
DC  "O3'"  O  N N 46  
DC  "C2'"  C  N N 47  
DC  "C1'"  C  N R 48  
DC  N1     N  N N 49  
DC  C2     C  N N 50  
DC  O2     O  N N 51  
DC  N3     N  N N 52  
DC  C4     C  N N 53  
DC  N4     N  N N 54  
DC  C5     C  N N 55  
DC  C6     C  N N 56  
DC  HOP3   H  N N 57  
DC  HOP2   H  N N 58  
DC  "H5'"  H  N N 59  
DC  "H5''" H  N N 60  
DC  "H4'"  H  N N 61  
DC  "H3'"  H  N N 62  
DC  "HO3'" H  N N 63  
DC  "H2'"  H  N N 64  
DC  "H2''" H  N N 65  
DC  "H1'"  H  N N 66  
DC  H41    H  N N 67  
DC  H42    H  N N 68  
DC  H5     H  N N 69  
DC  H6     H  N N 70  
DG  OP3    O  N N 71  
DG  P      P  N N 72  
DG  OP1    O  N N 73  
DG  OP2    O  N N 74  
DG  "O5'"  O  N N 75  
DG  "C5'"  C  N N 76  
DG  "C4'"  C  N R 77  
DG  "O4'"  O  N N 78  
DG  "C3'"  C  N S 79  
DG  "O3'"  O  N N 80  
DG  "C2'"  C  N N 81  
DG  "C1'"  C  N R 82  
DG  N9     N  Y N 83  
DG  C8     C  Y N 84  
DG  N7     N  Y N 85  
DG  C5     C  Y N 86  
DG  C6     C  N N 87  
DG  O6     O  N N 88  
DG  N1     N  N N 89  
DG  C2     C  N N 90  
DG  N2     N  N N 91  
DG  N3     N  N N 92  
DG  C4     C  Y N 93  
DG  HOP3   H  N N 94  
DG  HOP2   H  N N 95  
DG  "H5'"  H  N N 96  
DG  "H5''" H  N N 97  
DG  "H4'"  H  N N 98  
DG  "H3'"  H  N N 99  
DG  "HO3'" H  N N 100 
DG  "H2'"  H  N N 101 
DG  "H2''" H  N N 102 
DG  "H1'"  H  N N 103 
DG  H8     H  N N 104 
DG  H1     H  N N 105 
DG  H21    H  N N 106 
DG  H22    H  N N 107 
DT  OP3    O  N N 108 
DT  P      P  N N 109 
DT  OP1    O  N N 110 
DT  OP2    O  N N 111 
DT  "O5'"  O  N N 112 
DT  "C5'"  C  N N 113 
DT  "C4'"  C  N R 114 
DT  "O4'"  O  N N 115 
DT  "C3'"  C  N S 116 
DT  "O3'"  O  N N 117 
DT  "C2'"  C  N N 118 
DT  "C1'"  C  N R 119 
DT  N1     N  N N 120 
DT  C2     C  N N 121 
DT  O2     O  N N 122 
DT  N3     N  N N 123 
DT  C4     C  N N 124 
DT  O4     O  N N 125 
DT  C5     C  N N 126 
DT  C7     C  N N 127 
DT  C6     C  N N 128 
DT  HOP3   H  N N 129 
DT  HOP2   H  N N 130 
DT  "H5'"  H  N N 131 
DT  "H5''" H  N N 132 
DT  "H4'"  H  N N 133 
DT  "H3'"  H  N N 134 
DT  "HO3'" H  N N 135 
DT  "H2'"  H  N N 136 
DT  "H2''" H  N N 137 
DT  "H1'"  H  N N 138 
DT  H3     H  N N 139 
DT  H71    H  N N 140 
DT  H72    H  N N 141 
DT  H73    H  N N 142 
DT  H6     H  N N 143 
HOH O      O  N N 144 
HOH H1     H  N N 145 
HOH H2     H  N N 146 
MG  MG     MG N N 147 
SN9 CAA    C  N N 148 
SN9 OAY    O  N N 149 
SN9 CBG    C  Y N 150 
SN9 CAF    C  Y N 151 
SN9 CAE    C  Y N 152 
SN9 CAR    C  Y N 153 
SN9 CBH    C  Y N 154 
SN9 CBI    C  Y N 155 
SN9 NBK    N  N N 156 
SN9 CAC    C  N N 157 
SN9 CAU    C  N N 158 
SN9 CAQ    C  N N 159 
SN9 CBF    C  N N 160 
SN9 NAX    N  N N 161 
SN9 CBC    C  N N 162 
SN9 CAL    C  N N 163 
SN9 CAN    C  N N 164 
SN9 CAK    C  N N 165 
SN9 CAM    C  N N 166 
SN9 CBE    C  N N 167 
SN9 CAZ    C  N N 168 
SN9 OAD    O  N N 169 
SN9 NAV    N  N N 170 
SN9 CBA    C  N N 171 
SN9 CAH    C  N N 172 
SN9 CAJ    C  N N 173 
SN9 CAG    C  N N 174 
SN9 CAI    C  N N 175 
SN9 CBB    C  N N 176 
SN9 NAW    N  N N 177 
SN9 CBD    C  N N 178 
SN9 CAO    C  N N 179 
SN9 CAS    C  N N 180 
SN9 NBJ    N  N N 181 
SN9 CAB    C  N N 182 
SN9 CAT    C  N N 183 
SN9 CAP    C  N N 184 
SN9 HAA1   H  N N 185 
SN9 HAA2   H  N N 186 
SN9 HAA3   H  N N 187 
SN9 HAF    H  N N 188 
SN9 HAE    H  N N 189 
SN9 HAR    H  N N 190 
SN9 HAC1   H  N N 191 
SN9 HAC2   H  N N 192 
SN9 HAC3   H  N N 193 
SN9 HAU    H  N N 194 
SN9 HAU1   H  N N 195 
SN9 HAQ    H  N N 196 
SN9 HAX    H  N N 197 
SN9 HBC    H  N N 198 
SN9 HAL    H  N N 199 
SN9 HAL1   H  N N 200 
SN9 HAN    H  N N 201 
SN9 HAN1   H  N N 202 
SN9 HAK    H  N N 203 
SN9 HAK1   H  N N 204 
SN9 HAM    H  N N 205 
SN9 HAM1   H  N N 206 
SN9 HBE    H  N N 207 
SN9 HAV    H  N N 208 
SN9 HBA    H  N N 209 
SN9 HAH    H  N N 210 
SN9 HAH1   H  N N 211 
SN9 HAJ    H  N N 212 
SN9 HAJ1   H  N N 213 
SN9 HAG    H  N N 214 
SN9 HAG1   H  N N 215 
SN9 HAI    H  N N 216 
SN9 HAI1   H  N N 217 
SN9 HBB    H  N N 218 
SN9 HAW    H  N N 219 
SN9 HBD    H  N N 220 
SN9 HAO    H  N N 221 
SN9 HAO1   H  N N 222 
SN9 HAS    H  N N 223 
SN9 HAS1   H  N N 224 
SN9 HAB1   H  N N 225 
SN9 HAB2   H  N N 226 
SN9 HAB3   H  N N 227 
SN9 HAT    H  N N 228 
SN9 HAT1   H  N N 229 
SN9 HAP    H  N N 230 
SN9 HAP1   H  N N 231 
# 
loop_
_chem_comp_bond.comp_id 
_chem_comp_bond.atom_id_1 
_chem_comp_bond.atom_id_2 
_chem_comp_bond.value_order 
_chem_comp_bond.pdbx_aromatic_flag 
_chem_comp_bond.pdbx_stereo_config 
_chem_comp_bond.pdbx_ordinal 
DA  OP3   P      sing N N 1   
DA  OP3   HOP3   sing N N 2   
DA  P     OP1    doub N N 3   
DA  P     OP2    sing N N 4   
DA  P     "O5'"  sing N N 5   
DA  OP2   HOP2   sing N N 6   
DA  "O5'" "C5'"  sing N N 7   
DA  "C5'" "C4'"  sing N N 8   
DA  "C5'" "H5'"  sing N N 9   
DA  "C5'" "H5''" sing N N 10  
DA  "C4'" "O4'"  sing N N 11  
DA  "C4'" "C3'"  sing N N 12  
DA  "C4'" "H4'"  sing N N 13  
DA  "O4'" "C1'"  sing N N 14  
DA  "C3'" "O3'"  sing N N 15  
DA  "C3'" "C2'"  sing N N 16  
DA  "C3'" "H3'"  sing N N 17  
DA  "O3'" "HO3'" sing N N 18  
DA  "C2'" "C1'"  sing N N 19  
DA  "C2'" "H2'"  sing N N 20  
DA  "C2'" "H2''" sing N N 21  
DA  "C1'" N9     sing N N 22  
DA  "C1'" "H1'"  sing N N 23  
DA  N9    C8     sing Y N 24  
DA  N9    C4     sing Y N 25  
DA  C8    N7     doub Y N 26  
DA  C8    H8     sing N N 27  
DA  N7    C5     sing Y N 28  
DA  C5    C6     sing Y N 29  
DA  C5    C4     doub Y N 30  
DA  C6    N6     sing N N 31  
DA  C6    N1     doub Y N 32  
DA  N6    H61    sing N N 33  
DA  N6    H62    sing N N 34  
DA  N1    C2     sing Y N 35  
DA  C2    N3     doub Y N 36  
DA  C2    H2     sing N N 37  
DA  N3    C4     sing Y N 38  
DC  OP3   P      sing N N 39  
DC  OP3   HOP3   sing N N 40  
DC  P     OP1    doub N N 41  
DC  P     OP2    sing N N 42  
DC  P     "O5'"  sing N N 43  
DC  OP2   HOP2   sing N N 44  
DC  "O5'" "C5'"  sing N N 45  
DC  "C5'" "C4'"  sing N N 46  
DC  "C5'" "H5'"  sing N N 47  
DC  "C5'" "H5''" sing N N 48  
DC  "C4'" "O4'"  sing N N 49  
DC  "C4'" "C3'"  sing N N 50  
DC  "C4'" "H4'"  sing N N 51  
DC  "O4'" "C1'"  sing N N 52  
DC  "C3'" "O3'"  sing N N 53  
DC  "C3'" "C2'"  sing N N 54  
DC  "C3'" "H3'"  sing N N 55  
DC  "O3'" "HO3'" sing N N 56  
DC  "C2'" "C1'"  sing N N 57  
DC  "C2'" "H2'"  sing N N 58  
DC  "C2'" "H2''" sing N N 59  
DC  "C1'" N1     sing N N 60  
DC  "C1'" "H1'"  sing N N 61  
DC  N1    C2     sing N N 62  
DC  N1    C6     sing N N 63  
DC  C2    O2     doub N N 64  
DC  C2    N3     sing N N 65  
DC  N3    C4     doub N N 66  
DC  C4    N4     sing N N 67  
DC  C4    C5     sing N N 68  
DC  N4    H41    sing N N 69  
DC  N4    H42    sing N N 70  
DC  C5    C6     doub N N 71  
DC  C5    H5     sing N N 72  
DC  C6    H6     sing N N 73  
DG  OP3   P      sing N N 74  
DG  OP3   HOP3   sing N N 75  
DG  P     OP1    doub N N 76  
DG  P     OP2    sing N N 77  
DG  P     "O5'"  sing N N 78  
DG  OP2   HOP2   sing N N 79  
DG  "O5'" "C5'"  sing N N 80  
DG  "C5'" "C4'"  sing N N 81  
DG  "C5'" "H5'"  sing N N 82  
DG  "C5'" "H5''" sing N N 83  
DG  "C4'" "O4'"  sing N N 84  
DG  "C4'" "C3'"  sing N N 85  
DG  "C4'" "H4'"  sing N N 86  
DG  "O4'" "C1'"  sing N N 87  
DG  "C3'" "O3'"  sing N N 88  
DG  "C3'" "C2'"  sing N N 89  
DG  "C3'" "H3'"  sing N N 90  
DG  "O3'" "HO3'" sing N N 91  
DG  "C2'" "C1'"  sing N N 92  
DG  "C2'" "H2'"  sing N N 93  
DG  "C2'" "H2''" sing N N 94  
DG  "C1'" N9     sing N N 95  
DG  "C1'" "H1'"  sing N N 96  
DG  N9    C8     sing Y N 97  
DG  N9    C4     sing Y N 98  
DG  C8    N7     doub Y N 99  
DG  C8    H8     sing N N 100 
DG  N7    C5     sing Y N 101 
DG  C5    C6     sing N N 102 
DG  C5    C4     doub Y N 103 
DG  C6    O6     doub N N 104 
DG  C6    N1     sing N N 105 
DG  N1    C2     sing N N 106 
DG  N1    H1     sing N N 107 
DG  C2    N2     sing N N 108 
DG  C2    N3     doub N N 109 
DG  N2    H21    sing N N 110 
DG  N2    H22    sing N N 111 
DG  N3    C4     sing N N 112 
DT  OP3   P      sing N N 113 
DT  OP3   HOP3   sing N N 114 
DT  P     OP1    doub N N 115 
DT  P     OP2    sing N N 116 
DT  P     "O5'"  sing N N 117 
DT  OP2   HOP2   sing N N 118 
DT  "O5'" "C5'"  sing N N 119 
DT  "C5'" "C4'"  sing N N 120 
DT  "C5'" "H5'"  sing N N 121 
DT  "C5'" "H5''" sing N N 122 
DT  "C4'" "O4'"  sing N N 123 
DT  "C4'" "C3'"  sing N N 124 
DT  "C4'" "H4'"  sing N N 125 
DT  "O4'" "C1'"  sing N N 126 
DT  "C3'" "O3'"  sing N N 127 
DT  "C3'" "C2'"  sing N N 128 
DT  "C3'" "H3'"  sing N N 129 
DT  "O3'" "HO3'" sing N N 130 
DT  "C2'" "C1'"  sing N N 131 
DT  "C2'" "H2'"  sing N N 132 
DT  "C2'" "H2''" sing N N 133 
DT  "C1'" N1     sing N N 134 
DT  "C1'" "H1'"  sing N N 135 
DT  N1    C2     sing N N 136 
DT  N1    C6     sing N N 137 
DT  C2    O2     doub N N 138 
DT  C2    N3     sing N N 139 
DT  N3    C4     sing N N 140 
DT  N3    H3     sing N N 141 
DT  C4    O4     doub N N 142 
DT  C4    C5     sing N N 143 
DT  C5    C7     sing N N 144 
DT  C5    C6     doub N N 145 
DT  C7    H71    sing N N 146 
DT  C7    H72    sing N N 147 
DT  C7    H73    sing N N 148 
DT  C6    H6     sing N N 149 
HOH O     H1     sing N N 150 
HOH O     H2     sing N N 151 
SN9 CAA   OAY    sing N N 152 
SN9 CAA   HAA1   sing N N 153 
SN9 CAA   HAA2   sing N N 154 
SN9 CAA   HAA3   sing N N 155 
SN9 OAY   CBG    sing N N 156 
SN9 CBG   CAF    sing Y N 157 
SN9 CBG   CBI    doub Y N 158 
SN9 CAF   CAE    doub Y N 159 
SN9 CAF   HAF    sing N N 160 
SN9 CAE   CAR    sing Y N 161 
SN9 CAE   HAE    sing N N 162 
SN9 CAR   CBH    doub Y N 163 
SN9 CAR   HAR    sing N N 164 
SN9 CBH   CBI    sing Y N 165 
SN9 CBH   CBF    sing N N 166 
SN9 CBI   NBK    sing N N 167 
SN9 NBK   CAC    sing N N 168 
SN9 NBK   CAU    sing N N 169 
SN9 CAC   HAC1   sing N N 170 
SN9 CAC   HAC2   sing N N 171 
SN9 CAC   HAC3   sing N N 172 
SN9 CAU   CAQ    sing N N 173 
SN9 CAU   HAU    sing N N 174 
SN9 CAU   HAU1   sing N N 175 
SN9 CAQ   CBF    doub N N 176 
SN9 CAQ   HAQ    sing N N 177 
SN9 CBF   NAX    sing N N 178 
SN9 NAX   CBC    sing N N 179 
SN9 NAX   HAX    sing N N 180 
SN9 CBC   CAL    sing N N 181 
SN9 CBC   CAK    sing N N 182 
SN9 CBC   HBC    sing N N 183 
SN9 CAL   CAN    sing N N 184 
SN9 CAL   HAL    sing N N 185 
SN9 CAL   HAL1   sing N N 186 
SN9 CAN   CBE    sing N N 187 
SN9 CAN   HAN    sing N N 188 
SN9 CAN   HAN1   sing N N 189 
SN9 CAK   CAM    sing N N 190 
SN9 CAK   HAK    sing N N 191 
SN9 CAK   HAK1   sing N N 192 
SN9 CAM   CBE    sing N N 193 
SN9 CAM   HAM    sing N N 194 
SN9 CAM   HAM1   sing N N 195 
SN9 CBE   CAZ    sing N N 196 
SN9 CBE   HBE    sing N N 197 
SN9 CAZ   OAD    doub N N 198 
SN9 CAZ   NAV    sing N N 199 
SN9 NAV   CBA    sing N N 200 
SN9 NAV   HAV    sing N N 201 
SN9 CBA   CAH    sing N N 202 
SN9 CBA   CAG    sing N N 203 
SN9 CBA   HBA    sing N N 204 
SN9 CAH   CAJ    sing N N 205 
SN9 CAH   HAH    sing N N 206 
SN9 CAH   HAH1   sing N N 207 
SN9 CAJ   CBB    sing N N 208 
SN9 CAJ   HAJ    sing N N 209 
SN9 CAJ   HAJ1   sing N N 210 
SN9 CAG   CAI    sing N N 211 
SN9 CAG   HAG    sing N N 212 
SN9 CAG   HAG1   sing N N 213 
SN9 CAI   CBB    sing N N 214 
SN9 CAI   HAI    sing N N 215 
SN9 CAI   HAI1   sing N N 216 
SN9 CBB   NAW    sing N N 217 
SN9 CBB   HBB    sing N N 218 
SN9 NAW   CBD    sing N N 219 
SN9 NAW   HAW    sing N N 220 
SN9 CBD   CAO    sing N N 221 
SN9 CBD   CAP    sing N N 222 
SN9 CBD   HBD    sing N N 223 
SN9 CAO   CAS    sing N N 224 
SN9 CAO   HAO    sing N N 225 
SN9 CAO   HAO1   sing N N 226 
SN9 CAS   NBJ    sing N N 227 
SN9 CAS   HAS    sing N N 228 
SN9 CAS   HAS1   sing N N 229 
SN9 NBJ   CAB    sing N N 230 
SN9 NBJ   CAT    sing N N 231 
SN9 CAB   HAB1   sing N N 232 
SN9 CAB   HAB2   sing N N 233 
SN9 CAB   HAB3   sing N N 234 
SN9 CAT   CAP    sing N N 235 
SN9 CAT   HAT    sing N N 236 
SN9 CAT   HAT1   sing N N 237 
SN9 CAP   HAP    sing N N 238 
SN9 CAP   HAP1   sing N N 239 
# 
_ndb_struct_conf_na.entry_id   1ZPI 
_ndb_struct_conf_na.feature    'b-form double helix' 
# 
loop_
_ndb_struct_na_base_pair.model_number 
_ndb_struct_na_base_pair.i_label_asym_id 
_ndb_struct_na_base_pair.i_label_comp_id 
_ndb_struct_na_base_pair.i_label_seq_id 
_ndb_struct_na_base_pair.i_symmetry 
_ndb_struct_na_base_pair.j_label_asym_id 
_ndb_struct_na_base_pair.j_label_comp_id 
_ndb_struct_na_base_pair.j_label_seq_id 
_ndb_struct_na_base_pair.j_symmetry 
_ndb_struct_na_base_pair.shear 
_ndb_struct_na_base_pair.stretch 
_ndb_struct_na_base_pair.stagger 
_ndb_struct_na_base_pair.buckle 
_ndb_struct_na_base_pair.propeller 
_ndb_struct_na_base_pair.opening 
_ndb_struct_na_base_pair.pair_number 
_ndb_struct_na_base_pair.pair_name 
_ndb_struct_na_base_pair.i_auth_asym_id 
_ndb_struct_na_base_pair.i_auth_seq_id 
_ndb_struct_na_base_pair.i_PDB_ins_code 
_ndb_struct_na_base_pair.j_auth_asym_id 
_ndb_struct_na_base_pair.j_auth_seq_id 
_ndb_struct_na_base_pair.j_PDB_ins_code 
_ndb_struct_na_base_pair.hbond_type_28 
_ndb_struct_na_base_pair.hbond_type_12 
1 A DC 1  1_555 B DG 12 1_555 0.183  -0.180 0.208  -0.363  -15.601 -1.514 1  A_DC1:DG24_B  A 1  ? B 24 ? 19 1 
1 A DG 2  1_555 B DC 11 1_555 -0.179 -0.197 0.473  6.153   -11.878 -3.314 2  A_DG2:DC23_B  A 2  ? B 23 ? 19 1 
1 A DC 3  1_555 B DG 10 1_555 0.208  -0.132 0.252  -4.241  -5.639  -1.023 3  A_DC3:DG22_B  A 3  ? B 22 ? 19 1 
1 A DG 4  1_555 B DC 9  1_555 -0.233 -0.139 -0.080 9.709   -12.153 -0.127 4  A_DG4:DC21_B  A 4  ? B 21 ? 19 1 
1 A DA 5  1_555 B DT 8  1_555 0.296  -0.093 -0.167 4.800   -18.383 2.650  5  A_DA5:DT20_B  A 5  ? B 20 ? 20 1 
1 A DA 6  1_555 B DT 7  1_555 -0.080 -0.123 0.076  0.048   -18.538 4.478  6  A_DA6:DT19_B  A 6  ? B 19 ? 20 1 
1 A DT 7  1_555 B DA 6  1_555 -0.205 -0.120 0.080  -0.539  -16.204 6.976  7  A_DT7:DA18_B  A 7  ? B 18 ? 20 1 
1 A DT 8  1_555 B DA 5  1_555 0.035  -0.159 -0.065 1.663   -12.505 6.376  8  A_DT8:DA17_B  A 8  ? B 17 ? 20 1 
1 A DC 9  1_555 B DG 4  1_555 0.041  -0.161 0.225  -11.461 -14.131 -0.977 9  A_DC9:DG16_B  A 9  ? B 16 ? 19 1 
1 A DG 10 1_555 B DC 3  1_555 0.044  -0.030 0.263  6.227   -7.983  4.126  10 A_DG10:DC15_B A 10 ? B 15 ? 19 1 
1 A DC 11 1_555 B DG 2  1_555 0.149  -0.165 0.343  3.448   -18.511 -1.795 11 A_DC11:DG14_B A 11 ? B 14 ? 19 1 
1 A DG 12 1_555 B DC 1  1_555 -0.086 -0.198 0.418  8.794   -2.179  -5.027 12 A_DG12:DC13_B A 12 ? B 13 ? 19 1 
# 
loop_
_ndb_struct_na_base_pair_step.model_number 
_ndb_struct_na_base_pair_step.i_label_asym_id_1 
_ndb_struct_na_base_pair_step.i_label_comp_id_1 
_ndb_struct_na_base_pair_step.i_label_seq_id_1 
_ndb_struct_na_base_pair_step.i_symmetry_1 
_ndb_struct_na_base_pair_step.j_label_asym_id_1 
_ndb_struct_na_base_pair_step.j_label_comp_id_1 
_ndb_struct_na_base_pair_step.j_label_seq_id_1 
_ndb_struct_na_base_pair_step.j_symmetry_1 
_ndb_struct_na_base_pair_step.i_label_asym_id_2 
_ndb_struct_na_base_pair_step.i_label_comp_id_2 
_ndb_struct_na_base_pair_step.i_label_seq_id_2 
_ndb_struct_na_base_pair_step.i_symmetry_2 
_ndb_struct_na_base_pair_step.j_label_asym_id_2 
_ndb_struct_na_base_pair_step.j_label_comp_id_2 
_ndb_struct_na_base_pair_step.j_label_seq_id_2 
_ndb_struct_na_base_pair_step.j_symmetry_2 
_ndb_struct_na_base_pair_step.shift 
_ndb_struct_na_base_pair_step.slide 
_ndb_struct_na_base_pair_step.rise 
_ndb_struct_na_base_pair_step.tilt 
_ndb_struct_na_base_pair_step.roll 
_ndb_struct_na_base_pair_step.twist 
_ndb_struct_na_base_pair_step.x_displacement 
_ndb_struct_na_base_pair_step.y_displacement 
_ndb_struct_na_base_pair_step.helical_rise 
_ndb_struct_na_base_pair_step.inclination 
_ndb_struct_na_base_pair_step.tip 
_ndb_struct_na_base_pair_step.helical_twist 
_ndb_struct_na_base_pair_step.step_number 
_ndb_struct_na_base_pair_step.step_name 
_ndb_struct_na_base_pair_step.i_auth_asym_id_1 
_ndb_struct_na_base_pair_step.i_auth_seq_id_1 
_ndb_struct_na_base_pair_step.i_PDB_ins_code_1 
_ndb_struct_na_base_pair_step.j_auth_asym_id_1 
_ndb_struct_na_base_pair_step.j_auth_seq_id_1 
_ndb_struct_na_base_pair_step.j_PDB_ins_code_1 
_ndb_struct_na_base_pair_step.i_auth_asym_id_2 
_ndb_struct_na_base_pair_step.i_auth_seq_id_2 
_ndb_struct_na_base_pair_step.i_PDB_ins_code_2 
_ndb_struct_na_base_pair_step.j_auth_asym_id_2 
_ndb_struct_na_base_pair_step.j_auth_seq_id_2 
_ndb_struct_na_base_pair_step.j_PDB_ins_code_2 
1 A DC 1  1_555 B DG 12 1_555 A DG 2  1_555 B DC 11 1_555 -0.169 0.061  3.125 -3.414 6.828  34.460 -0.871 -0.208 3.083 11.353  
5.677  35.270 1  AA_DC1DG2:DC23DG24_BB   A 1  ? B 24 ? A 2  ? B 23 ? 
1 A DG 2  1_555 B DC 11 1_555 A DC 3  1_555 B DG 10 1_555 0.599  0.462  3.623 1.990  -7.444 41.912 1.463  -0.604 3.518 -10.302 
-2.754 42.583 2  AA_DG2DC3:DG22DC23_BB   A 2  ? B 23 ? A 3  ? B 22 ? 
1 A DC 3  1_555 B DG 10 1_555 A DG 4  1_555 B DC 9  1_555 -0.251 0.857  3.120 4.267  10.329 25.800 -0.664 1.521  3.143 21.872  
-9.036 28.079 3  AA_DC3DG4:DC21DG22_BB   A 3  ? B 22 ? A 4  ? B 21 ? 
1 A DG 4  1_555 B DC 9  1_555 A DA 5  1_555 B DT 8  1_555 0.030  -0.035 3.375 0.147  3.020  39.325 -0.419 -0.026 3.363 4.479   
-0.219 39.437 4  AA_DG4DA5:DT20DC21_BB   A 4  ? B 21 ? A 5  ? B 20 ? 
1 A DA 5  1_555 B DT 8  1_555 A DA 6  1_555 B DT 7  1_555 0.169  -0.298 3.283 -2.941 4.224  34.578 -1.131 -0.725 3.200 7.058   
4.915  34.947 5  AA_DA5DA6:DT19DT20_BB   A 5  ? B 20 ? A 6  ? B 19 ? 
1 A DA 6  1_555 B DT 7  1_555 A DT 7  1_555 B DA 6  1_555 0.262  -0.629 3.204 0.793  -2.389 30.948 -0.723 -0.339 3.248 -4.467  
-1.483 31.047 6  AA_DA6DT7:DA18DT19_BB   A 6  ? B 19 ? A 7  ? B 18 ? 
1 A DT 7  1_555 B DA 6  1_555 A DT 8  1_555 B DA 5  1_555 0.095  -0.012 3.187 2.266  5.867  32.242 -1.002 0.210  3.135 10.441  
-4.032 32.834 7  AA_DT7DT8:DA17DA18_BB   A 7  ? B 18 ? A 8  ? B 17 ? 
1 A DT 8  1_555 B DA 5  1_555 A DC 9  1_555 B DG 4  1_555 -0.707 0.420  3.601 -3.319 -6.630 44.435 1.205  0.595  3.548 -8.695  
4.353  45.019 8  AA_DT8DC9:DG16DA17_BB   A 8  ? B 17 ? A 9  ? B 16 ? 
1 A DC 9  1_555 B DG 4  1_555 A DG 10 1_555 B DC 3  1_555 0.787  1.084  3.017 -1.195 5.418  29.016 1.035  -1.784 3.129 10.690  
2.358  29.531 9  AA_DC9DG10:DC15DG16_BB  A 9  ? B 16 ? A 10 ? B 15 ? 
1 A DG 10 1_555 B DC 3  1_555 A DC 11 1_555 B DG 2  1_555 -1.261 0.497  3.422 -4.318 -8.331 41.546 1.571  1.279  3.374 -11.567 
5.996  42.546 10 AA_DG10DC11:DG14DC15_BB A 10 ? B 15 ? A 11 ? B 14 ? 
1 A DC 11 1_555 B DG 2  1_555 A DG 12 1_555 B DC 1  1_555 0.299  0.475  3.188 0.742  0.977  35.358 0.640  -0.385 3.205 1.608   
-1.221 35.379 11 AA_DC11DG12:DC13DG14_BB A 11 ? B 14 ? A 12 ? B 13 ? 
# 
_pdbx_initial_refinement_model.accession_code   436D 
_pdbx_initial_refinement_model.id               1 
_pdbx_initial_refinement_model.entity_id_list   ? 
_pdbx_initial_refinement_model.type             'experimental model' 
_pdbx_initial_refinement_model.source_name      PDB 
_pdbx_initial_refinement_model.details          BD0007 
# 
_atom_sites.entry_id                    1ZPI 
_atom_sites.fract_transf_matrix[1][1]   0.00799470 
_atom_sites.fract_transf_matrix[1][2]   -0.03661302 
_atom_sites.fract_transf_matrix[1][3]   -0.01310499 
_atom_sites.fract_transf_matrix[2][1]   -0.02105273 
_atom_sites.fract_transf_matrix[2][2]   0.00028270 
_atom_sites.fract_transf_matrix[2][3]   -0.01363303 
_atom_sites.fract_transf_matrix[3][1]   0.00765522 
_atom_sites.fract_transf_matrix[3][2]   0.00585939 
_atom_sites.fract_transf_matrix[3][3]   -0.01170003 
_atom_sites.fract_transf_vector[1]      0.424649 
_atom_sites.fract_transf_vector[2]      0.028755 
_atom_sites.fract_transf_vector[3]      0.363489 
# 
loop_
_atom_type.symbol 
C  
MG 
N  
O  
P  
# 
loop_
_atom_site.group_PDB 
_atom_site.id 
_atom_site.type_symbol 
_atom_site.label_atom_id 
_atom_site.label_alt_id 
_atom_site.label_comp_id 
_atom_site.label_asym_id 
_atom_site.label_entity_id 
_atom_site.label_seq_id 
_atom_site.pdbx_PDB_ins_code 
_atom_site.Cartn_x 
_atom_site.Cartn_y 
_atom_site.Cartn_z 
_atom_site.occupancy 
_atom_site.B_iso_or_equiv 
_atom_site.pdbx_formal_charge 
_atom_site.auth_seq_id 
_atom_site.auth_comp_id 
_atom_site.auth_asym_id 
_atom_site.auth_atom_id 
_atom_site.pdbx_PDB_model_num 
ATOM   1   O  "O5'" . DC  A 1 1  ? -19.929 -0.490  6.074   1.00 34.60 ? 1   DC  A "O5'" 1 
ATOM   2   C  "C5'" . DC  A 1 1  ? -19.059 -1.325  6.815   1.00 29.03 ? 1   DC  A "C5'" 1 
ATOM   3   C  "C4'" . DC  A 1 1  ? -18.216 -0.485  7.773   1.00 31.39 ? 1   DC  A "C4'" 1 
ATOM   4   O  "O4'" . DC  A 1 1  ? -17.367 -1.354  8.581   1.00 29.82 ? 1   DC  A "O4'" 1 
ATOM   5   C  "C3'" . DC  A 1 1  ? -17.262 0.497   7.123   1.00 40.15 ? 1   DC  A "C3'" 1 
ATOM   6   O  "O3'" . DC  A 1 1  ? -17.170 1.649   7.961   1.00 28.49 ? 1   DC  A "O3'" 1 
ATOM   7   C  "C2'" . DC  A 1 1  ? -15.969 -0.303  7.046   1.00 31.61 ? 1   DC  A "C2'" 1 
ATOM   8   C  "C1'" . DC  A 1 1  ? -16.016 -1.024  8.378   1.00 26.50 ? 1   DC  A "C1'" 1 
ATOM   9   N  N1    . DC  A 1 1  ? -15.256 -2.304  8.516   1.00 20.02 ? 1   DC  A N1    1 
ATOM   10  C  C2    . DC  A 1 1  ? -14.569 -2.555  9.706   1.00 23.38 ? 1   DC  A C2    1 
ATOM   11  O  O2    . DC  A 1 1  ? -14.525 -1.638  10.564  1.00 30.50 ? 1   DC  A O2    1 
ATOM   12  N  N3    . DC  A 1 1  ? -13.933 -3.727  9.880   1.00 25.57 ? 1   DC  A N3    1 
ATOM   13  C  C4    . DC  A 1 1  ? -13.999 -4.651  8.929   1.00 26.18 ? 1   DC  A C4    1 
ATOM   14  N  N4    . DC  A 1 1  ? -13.337 -5.803  9.119   1.00 25.11 ? 1   DC  A N4    1 
ATOM   15  C  C5    . DC  A 1 1  ? -14.733 -4.432  7.731   1.00 24.54 ? 1   DC  A C5    1 
ATOM   16  C  C6    . DC  A 1 1  ? -15.358 -3.286  7.564   1.00 23.70 ? 1   DC  A C6    1 
ATOM   17  P  P     . DG  A 1 2  ? -16.402 2.980   7.493   1.00 40.65 ? 2   DG  A P     1 
ATOM   18  O  OP1   . DG  A 1 2  ? -17.117 4.134   8.123   1.00 46.91 ? 2   DG  A OP1   1 
ATOM   19  O  OP2   . DG  A 1 2  ? -16.153 2.943   6.041   1.00 29.23 ? 2   DG  A OP2   1 
ATOM   20  O  "O5'" . DG  A 1 2  ? -15.002 2.840   8.172   1.00 35.27 ? 2   DG  A "O5'" 1 
ATOM   21  C  "C5'" . DG  A 1 2  ? -14.953 2.885   9.524   1.00 29.53 ? 2   DG  A "C5'" 1 
ATOM   22  C  "C4'" . DG  A 1 2  ? -13.528 3.129   9.943   1.00 30.16 ? 2   DG  A "C4'" 1 
ATOM   23  O  "O4'" . DG  A 1 2  ? -12.876 1.842   10.065  1.00 26.57 ? 2   DG  A "O4'" 1 
ATOM   24  C  "C3'" . DG  A 1 2  ? -12.647 3.975   9.005   1.00 28.71 ? 2   DG  A "C3'" 1 
ATOM   25  O  "O3'" . DG  A 1 2  ? -11.815 4.807   9.835   1.00 32.79 ? 2   DG  A "O3'" 1 
ATOM   26  C  "C2'" . DG  A 1 2  ? -11.884 2.914   8.219   1.00 30.45 ? 2   DG  A "C2'" 1 
ATOM   27  C  "C1'" . DG  A 1 2  ? -11.717 1.797   9.250   1.00 25.59 ? 2   DG  A "C1'" 1 
ATOM   28  N  N9    . DG  A 1 2  ? -11.640 0.451   8.721   1.00 24.36 ? 2   DG  A N9    1 
ATOM   29  C  C8    . DG  A 1 2  ? -12.204 -0.051  7.598   1.00 21.78 ? 2   DG  A C8    1 
ATOM   30  N  N7    . DG  A 1 2  ? -11.961 -1.327  7.422   1.00 23.27 ? 2   DG  A N7    1 
ATOM   31  C  C5    . DG  A 1 2  ? -11.242 -1.686  8.543   1.00 22.53 ? 2   DG  A C5    1 
ATOM   32  C  C6    . DG  A 1 2  ? -10.703 -2.919  8.929   1.00 20.00 ? 2   DG  A C6    1 
ATOM   33  O  O6    . DG  A 1 2  ? -10.780 -4.017  8.333   1.00 24.69 ? 2   DG  A O6    1 
ATOM   34  N  N1    . DG  A 1 2  ? -10.056 -2.857  10.120  1.00 20.60 ? 2   DG  A N1    1 
ATOM   35  C  C2    . DG  A 1 2  ? -9.877  -1.703  10.865  1.00 21.20 ? 2   DG  A C2    1 
ATOM   36  N  N2    . DG  A 1 2  ? -9.176  -1.807  11.976  1.00 19.09 ? 2   DG  A N2    1 
ATOM   37  N  N3    . DG  A 1 2  ? -10.378 -0.542  10.509  1.00 23.95 ? 2   DG  A N3    1 
ATOM   38  C  C4    . DG  A 1 2  ? -11.045 -0.619  9.358   1.00 25.16 ? 2   DG  A C4    1 
ATOM   39  P  P     . DC  A 1 3  ? -10.885 5.977   9.265   1.00 33.18 ? 3   DC  A P     1 
ATOM   40  O  OP1   . DC  A 1 3  ? -11.286 7.209   9.995   1.00 38.47 ? 3   DC  A OP1   1 
ATOM   41  O  OP2   . DC  A 1 3  ? -10.830 5.908   7.794   1.00 40.57 ? 3   DC  A OP2   1 
ATOM   42  O  "O5'" . DC  A 1 3  ? -9.454  5.544   9.788   1.00 33.68 ? 3   DC  A "O5'" 1 
ATOM   43  C  "C5'" . DC  A 1 3  ? -9.240  5.228   11.161  1.00 24.98 ? 3   DC  A "C5'" 1 
ATOM   44  C  "C4'" . DC  A 1 3  ? -8.136  4.189   11.294  1.00 26.33 ? 3   DC  A "C4'" 1 
ATOM   45  O  "O4'" . DC  A 1 3  ? -8.561  2.936   10.727  1.00 27.09 ? 3   DC  A "O4'" 1 
ATOM   46  C  "C3'" . DC  A 1 3  ? -6.849  4.510   10.536  1.00 32.13 ? 3   DC  A "C3'" 1 
ATOM   47  O  "O3'" . DC  A 1 3  ? -5.991  5.291   11.358  1.00 40.91 ? 3   DC  A "O3'" 1 
ATOM   48  C  "C2'" . DC  A 1 3  ? -6.259  3.149   10.227  1.00 37.35 ? 3   DC  A "C2'" 1 
ATOM   49  C  "C1'" . DC  A 1 3  ? -7.404  2.181   10.393  1.00 31.64 ? 3   DC  A "C1'" 1 
ATOM   50  N  N1    . DC  A 1 3  ? -7.742  1.405   9.190   1.00 23.18 ? 3   DC  A N1    1 
ATOM   51  C  C2    . DC  A 1 3  ? -7.434  0.055   9.144   1.00 23.01 ? 3   DC  A C2    1 
ATOM   52  O  O2    . DC  A 1 3  ? -6.796  -0.442  10.081  1.00 21.95 ? 3   DC  A O2    1 
ATOM   53  N  N3    . DC  A 1 3  ? -7.773  -0.647  8.035   1.00 26.62 ? 3   DC  A N3    1 
ATOM   54  C  C4    . DC  A 1 3  ? -8.423  -0.044  7.024   1.00 23.42 ? 3   DC  A C4    1 
ATOM   55  N  N4    . DC  A 1 3  ? -8.780  -0.807  5.983   1.00 29.62 ? 3   DC  A N4    1 
ATOM   56  C  C5    . DC  A 1 3  ? -8.772  1.340   7.062   1.00 26.05 ? 3   DC  A C5    1 
ATOM   57  C  C6    . DC  A 1 3  ? -8.398  2.025   8.139   1.00 23.56 ? 3   DC  A C6    1 
ATOM   58  P  P     . DG  A 1 4  ? -4.648  5.942   10.803  1.00 36.90 ? 4   DG  A P     1 
ATOM   59  O  OP1   . DG  A 1 4  ? -4.295  7.033   11.734  1.00 66.03 ? 4   DG  A OP1   1 
ATOM   60  O  OP2   . DG  A 1 4  ? -4.740  6.189   9.377   1.00 30.53 ? 4   DG  A OP2   1 
ATOM   61  O  "O5'" . DG  A 1 4  ? -3.620  4.763   10.969  1.00 34.23 ? 4   DG  A "O5'" 1 
ATOM   62  C  "C5'" . DG  A 1 4  ? -3.396  4.227   12.228  1.00 29.20 ? 4   DG  A "C5'" 1 
ATOM   63  C  "C4'" . DG  A 1 4  ? -2.430  3.085   12.110  1.00 35.67 ? 4   DG  A "C4'" 1 
ATOM   64  O  "O4'" . DG  A 1 4  ? -3.008  2.055   11.269  1.00 32.42 ? 4   DG  A "O4'" 1 
ATOM   65  C  "C3'" . DG  A 1 4  ? -1.081  3.449   11.480  1.00 38.70 ? 4   DG  A "C3'" 1 
ATOM   66  O  "O3'" . DG  A 1 4  ? -0.077  2.738   12.161  1.00 48.56 ? 4   DG  A "O3'" 1 
ATOM   67  C  "C2'" . DG  A 1 4  ? -1.239  3.019   10.025  1.00 25.97 ? 4   DG  A "C2'" 1 
ATOM   68  C  "C1'" . DG  A 1 4  ? -2.194  1.846   10.123  1.00 27.58 ? 4   DG  A "C1'" 1 
ATOM   69  N  N9    . DG  A 1 4  ? -3.051  1.685   8.959   1.00 26.45 ? 4   DG  A N9    1 
ATOM   70  C  C8    . DG  A 1 4  ? -3.675  2.643   8.221   1.00 25.35 ? 4   DG  A C8    1 
ATOM   71  N  N7    . DG  A 1 4  ? -4.386  2.200   7.233   1.00 21.16 ? 4   DG  A N7    1 
ATOM   72  C  C5    . DG  A 1 4  ? -4.239  0.833   7.351   1.00 22.54 ? 4   DG  A C5    1 
ATOM   73  C  C6    . DG  A 1 4  ? -4.767  -0.186  6.554   1.00 23.49 ? 4   DG  A C6    1 
ATOM   74  O  O6    . DG  A 1 4  ? -5.518  -0.115  5.611   1.00 28.76 ? 4   DG  A O6    1 
ATOM   75  N  N1    . DG  A 1 4  ? -4.382  -1.407  7.005   1.00 21.49 ? 4   DG  A N1    1 
ATOM   76  C  C2    . DG  A 1 4  ? -3.530  -1.631  8.051   1.00 22.01 ? 4   DG  A C2    1 
ATOM   77  N  N2    . DG  A 1 4  ? -3.258  -2.909  8.320   1.00 23.01 ? 4   DG  A N2    1 
ATOM   78  N  N3    . DG  A 1 4  ? -3.031  -0.703  8.831   1.00 23.19 ? 4   DG  A N3    1 
ATOM   79  C  C4    . DG  A 1 4  ? -3.427  0.510   8.403   1.00 28.28 ? 4   DG  A C4    1 
ATOM   80  P  P     . DA  A 1 5  ? 1.468   2.841   11.776  1.00 39.48 ? 5   DA  A P     1 
ATOM   81  O  OP1   . DA  A 1 5  ? 2.209   2.700   13.030  1.00 41.60 ? 5   DA  A OP1   1 
ATOM   82  O  OP2   . DA  A 1 5  ? 1.688   3.982   10.851  1.00 40.63 ? 5   DA  A OP2   1 
ATOM   83  O  "O5'" . DA  A 1 5  ? 1.681   1.489   10.934  1.00 34.10 ? 5   DA  A "O5'" 1 
ATOM   84  C  "C5'" . DA  A 1 5  ? 1.449   0.277   11.618  1.00 32.96 ? 5   DA  A "C5'" 1 
ATOM   85  C  "C4'" . DA  A 1 5  ? 1.601   -0.933  10.740  1.00 37.96 ? 5   DA  A "C4'" 1 
ATOM   86  O  "O4'" . DA  A 1 5  ? 0.610   -0.898  9.689   1.00 33.71 ? 5   DA  A "O4'" 1 
ATOM   87  C  "C3'" . DA  A 1 5  ? 2.957   -1.074  10.069  1.00 32.31 ? 5   DA  A "C3'" 1 
ATOM   88  O  "O3'" . DA  A 1 5  ? 3.420   -2.408  10.278  1.00 29.17 ? 5   DA  A "O3'" 1 
ATOM   89  C  "C2'" . DA  A 1 5  ? 2.662   -0.714  8.618   1.00 23.74 ? 5   DA  A "C2'" 1 
ATOM   90  C  "C1'" . DA  A 1 5  ? 1.211   -1.137  8.436   1.00 35.36 ? 5   DA  A "C1'" 1 
ATOM   91  N  N9    . DA  A 1 5  ? 0.422   -0.375  7.482   1.00 25.81 ? 5   DA  A N9    1 
ATOM   92  C  C8    . DA  A 1 5  ? 0.285   0.991   7.446   1.00 23.02 ? 5   DA  A C8    1 
ATOM   93  N  N7    . DA  A 1 5  ? -0.531  1.423   6.524   1.00 26.85 ? 5   DA  A N7    1 
ATOM   94  C  C5    . DA  A 1 5  ? -1.005  0.253   5.923   1.00 26.92 ? 5   DA  A C5    1 
ATOM   95  C  C6    . DA  A 1 5  ? -1.908  0.026   4.862   1.00 23.88 ? 5   DA  A C6    1 
ATOM   96  N  N6    . DA  A 1 5  ? -2.567  0.974   4.195   1.00 21.65 ? 5   DA  A N6    1 
ATOM   97  N  N1    . DA  A 1 5  ? -2.119  -1.261  4.492   1.00 25.88 ? 5   DA  A N1    1 
ATOM   98  C  C2    . DA  A 1 5  ? -1.519  -2.245  5.168   1.00 29.35 ? 5   DA  A C2    1 
ATOM   99  N  N3    . DA  A 1 5  ? -0.638  -2.152  6.179   1.00 32.09 ? 5   DA  A N3    1 
ATOM   100 C  C4    . DA  A 1 5  ? -0.419  -0.862  6.503   1.00 26.34 ? 5   DA  A C4    1 
ATOM   101 P  P     . DA  A 1 6  ? 4.808   -2.946  9.683   1.00 32.71 ? 6   DA  A P     1 
ATOM   102 O  OP1   . DA  A 1 6  ? 5.251   -4.102  10.505  1.00 33.68 ? 6   DA  A OP1   1 
ATOM   103 O  OP2   . DA  A 1 6  ? 5.653   -1.782  9.456   1.00 30.35 ? 6   DA  A OP2   1 
ATOM   104 O  "O5'" . DA  A 1 6  ? 4.394   -3.475  8.215   1.00 28.22 ? 6   DA  A "O5'" 1 
ATOM   105 C  "C5'" . DA  A 1 6  ? 3.760   -4.675  8.052   1.00 24.87 ? 6   DA  A "C5'" 1 
ATOM   106 C  "C4'" . DA  A 1 6  ? 3.529   -4.909  6.584   1.00 21.19 ? 6   DA  A "C4'" 1 
ATOM   107 O  "O4'" . DA  A 1 6  ? 2.700   -3.856  6.060   1.00 23.86 ? 6   DA  A "O4'" 1 
ATOM   108 C  "C3'" . DA  A 1 6  ? 4.815   -4.888  5.789   1.00 25.65 ? 6   DA  A "C3'" 1 
ATOM   109 O  "O3'" . DA  A 1 6  ? 4.957   -6.192  5.276   1.00 23.96 ? 6   DA  A "O3'" 1 
ATOM   110 C  "C2'" . DA  A 1 6  ? 4.604   -3.775  4.746   1.00 25.79 ? 6   DA  A "C2'" 1 
ATOM   111 C  "C1'" . DA  A 1 6  ? 3.086   -3.624  4.727   1.00 26.08 ? 6   DA  A "C1'" 1 
ATOM   112 N  N9    . DA  A 1 6  ? 2.592   -2.330  4.412   1.00 21.68 ? 6   DA  A N9    1 
ATOM   113 C  C8    . DA  A 1 6  ? 2.943   -1.148  5.020   1.00 26.50 ? 6   DA  A C8    1 
ATOM   114 N  N7    . DA  A 1 6  ? 2.340   -0.096  4.532   1.00 27.01 ? 6   DA  A N7    1 
ATOM   115 C  C5    . DA  A 1 6  ? 1.525   -0.613  3.554   1.00 21.30 ? 6   DA  A C5    1 
ATOM   116 C  C6    . DA  A 1 6  ? 0.629   0.004   2.668   1.00 23.37 ? 6   DA  A C6    1 
ATOM   117 N  N6    . DA  A 1 6  ? 0.423   1.318   2.656   1.00 24.07 ? 6   DA  A N6    1 
ATOM   118 N  N1    . DA  A 1 6  ? -0.020  -0.768  1.776   1.00 25.17 ? 6   DA  A N1    1 
ATOM   119 C  C2    . DA  A 1 6  ? 0.229   -2.090  1.786   1.00 24.24 ? 6   DA  A C2    1 
ATOM   120 N  N3    . DA  A 1 6  ? 1.031   -2.792  2.579   1.00 26.40 ? 6   DA  A N3    1 
ATOM   121 C  C4    . DA  A 1 6  ? 1.683   -1.987  3.440   1.00 21.45 ? 6   DA  A C4    1 
ATOM   122 P  P     . DT  A 1 7  ? 6.071   -6.617  4.255   1.00 25.02 ? 7   DT  A P     1 
ATOM   123 O  OP1   . DT  A 1 7  ? 6.179   -8.076  4.313   1.00 25.80 ? 7   DT  A OP1   1 
ATOM   124 O  OP2   . DT  A 1 7  ? 7.269   -5.785  4.381   1.00 23.22 ? 7   DT  A OP2   1 
ATOM   125 O  "O5'" . DT  A 1 7  ? 5.458   -6.283  2.825   1.00 23.42 ? 7   DT  A "O5'" 1 
ATOM   126 C  "C5'" . DT  A 1 7  ? 4.249   -6.888  2.392   1.00 23.38 ? 7   DT  A "C5'" 1 
ATOM   127 C  "C4'" . DT  A 1 7  ? 3.766   -6.231  1.134   1.00 25.04 ? 7   DT  A "C4'" 1 
ATOM   128 O  "O4'" . DT  A 1 7  ? 3.461   -4.828  1.383   1.00 22.81 ? 7   DT  A "O4'" 1 
ATOM   129 C  "C3'" . DT  A 1 7  ? 4.767   -6.249  -0.015  1.00 24.04 ? 7   DT  A "C3'" 1 
ATOM   130 O  "O3'" . DT  A 1 7  ? 4.251   -7.111  -1.064  1.00 26.26 ? 7   DT  A "O3'" 1 
ATOM   131 C  "C2'" . DT  A 1 7  ? 4.891   -4.792  -0.461  1.00 27.25 ? 7   DT  A "C2'" 1 
ATOM   132 C  "C1'" . DT  A 1 7  ? 3.632   -4.161  0.132   1.00 24.53 ? 7   DT  A "C1'" 1 
ATOM   133 N  N1    . DT  A 1 7  ? 3.652   -2.704  0.401   1.00 23.40 ? 7   DT  A N1    1 
ATOM   134 C  C2    . DT  A 1 7  ? 2.778   -1.877  -0.271  1.00 22.95 ? 7   DT  A C2    1 
ATOM   135 O  O2    . DT  A 1 7  ? 1.977   -2.284  -1.128  1.00 24.12 ? 7   DT  A O2    1 
ATOM   136 N  N3    . DT  A 1 7  ? 2.851   -0.551  0.105   1.00 24.15 ? 7   DT  A N3    1 
ATOM   137 C  C4    . DT  A 1 7  ? 3.742   0.005   1.005   1.00 20.83 ? 7   DT  A C4    1 
ATOM   138 O  O4    . DT  A 1 7  ? 3.737   1.200   1.287   1.00 25.80 ? 7   DT  A O4    1 
ATOM   139 C  C5    . DT  A 1 7  ? 4.629   -0.930  1.674   1.00 23.29 ? 7   DT  A C5    1 
ATOM   140 C  C7    . DT  A 1 7  ? 5.677   -0.411  2.633   1.00 26.35 ? 7   DT  A C7    1 
ATOM   141 C  C6    . DT  A 1 7  ? 4.557   -2.209  1.330   1.00 22.37 ? 7   DT  A C6    1 
ATOM   142 P  P     . DT  A 1 8  ? 5.176   -7.646  -2.241  1.00 32.86 ? 8   DT  A P     1 
ATOM   143 O  OP1   . DT  A 1 8  ? 4.566   -8.914  -2.661  1.00 31.42 ? 8   DT  A OP1   1 
ATOM   144 O  OP2   . DT  A 1 8  ? 6.586   -7.531  -1.892  1.00 31.02 ? 8   DT  A OP2   1 
ATOM   145 O  "O5'" . DT  A 1 8  ? 4.918   -6.560  -3.390  1.00 29.45 ? 8   DT  A "O5'" 1 
ATOM   146 C  "C5'" . DT  A 1 8  ? 3.562   -6.334  -3.828  1.00 30.46 ? 8   DT  A "C5'" 1 
ATOM   147 C  "C4'" . DT  A 1 8  ? 3.490   -5.145  -4.757  1.00 26.64 ? 8   DT  A "C4'" 1 
ATOM   148 O  "O4'" . DT  A 1 8  ? 3.527   -3.897  -3.979  1.00 27.74 ? 8   DT  A "O4'" 1 
ATOM   149 C  "C3'" . DT  A 1 8  ? 4.652   -4.995  -5.742  1.00 24.14 ? 8   DT  A "C3'" 1 
ATOM   150 O  "O3'" . DT  A 1 8  ? 4.193   -4.457  -6.931  1.00 40.05 ? 8   DT  A "O3'" 1 
ATOM   151 C  "C2'" . DT  A 1 8  ? 5.539   -3.974  -5.083  1.00 26.00 ? 8   DT  A "C2'" 1 
ATOM   152 C  "C1'" . DT  A 1 8  ? 4.450   -3.041  -4.590  1.00 28.31 ? 8   DT  A "C1'" 1 
ATOM   153 N  N1    . DT  A 1 8  ? 4.867   -2.009  -3.666  1.00 28.95 ? 8   DT  A N1    1 
ATOM   154 C  C2    . DT  A 1 8  ? 4.230   -0.777  -3.719  1.00 23.66 ? 8   DT  A C2    1 
ATOM   155 O  O2    . DT  A 1 8  ? 3.328   -0.508  -4.487  1.00 26.49 ? 8   DT  A O2    1 
ATOM   156 N  N3    . DT  A 1 8  ? 4.676   0.145   -2.797  1.00 26.03 ? 8   DT  A N3    1 
ATOM   157 C  C4    . DT  A 1 8  ? 5.691   -0.031  -1.868  1.00 20.06 ? 8   DT  A C4    1 
ATOM   158 O  O4    . DT  A 1 8  ? 6.001   0.843   -1.088  1.00 27.68 ? 8   DT  A O4    1 
ATOM   159 C  C5    . DT  A 1 8  ? 6.306   -1.358  -1.859  1.00 24.27 ? 8   DT  A C5    1 
ATOM   160 C  C7    . DT  A 1 8  ? 7.363   -1.702  -0.847  1.00 30.36 ? 8   DT  A C7    1 
ATOM   161 C  C6    . DT  A 1 8  ? 5.876   -2.261  -2.744  1.00 29.50 ? 8   DT  A C6    1 
ATOM   162 P  P     . DC  A 1 9  ? 4.115   -5.267  -8.319  1.00 34.12 ? 9   DC  A P     1 
ATOM   163 O  OP1   . DC  A 1 9  ? 3.230   -6.427  -8.145  1.00 50.76 ? 9   DC  A OP1   1 
ATOM   164 O  OP2   . DC  A 1 9  ? 5.457   -5.345  -8.876  1.00 32.94 ? 9   DC  A OP2   1 
ATOM   165 O  "O5'" . DC  A 1 9  ? 3.304   -4.176  -9.138  1.00 33.62 ? 9   DC  A "O5'" 1 
ATOM   166 C  "C5'" . DC  A 1 9  ? 1.967   -3.781  -8.715  1.00 36.17 ? 9   DC  A "C5'" 1 
ATOM   167 C  "C4'" . DC  A 1 9  ? 1.707   -2.318  -9.055  1.00 36.17 ? 9   DC  A "C4'" 1 
ATOM   168 O  "O4'" . DC  A 1 9  ? 2.434   -1.484  -8.117  1.00 29.63 ? 9   DC  A "O4'" 1 
ATOM   169 C  "C3'" A DC  A 1 9  ? 2.135   -1.877  -10.447 0.50 38.01 ? 9   DC  A "C3'" 1 
ATOM   170 C  "C3'" B DC  A 1 9  ? 2.181   -1.892  -10.462 0.50 42.00 ? 9   DC  A "C3'" 1 
ATOM   171 O  "O3'" A DC  A 1 9  ? 1.041   -1.155  -11.028 0.50 25.24 ? 9   DC  A "O3'" 1 
ATOM   172 O  "O3'" B DC  A 1 9  ? 1.209   -1.165  -11.220 0.50 56.66 ? 9   DC  A "O3'" 1 
ATOM   173 C  "C2'" . DC  A 1 9  ? 3.386   -1.023  -10.195 1.00 32.01 ? 9   DC  A "C2'" 1 
ATOM   174 C  "C1'" . DC  A 1 9  ? 3.120   -0.483  -8.802  1.00 26.55 ? 9   DC  A "C1'" 1 
ATOM   175 N  N1    . DC  A 1 9  ? 4.298   -0.174  -7.966  1.00 26.75 ? 9   DC  A N1    1 
ATOM   176 C  C2    . DC  A 1 9  ? 4.431   1.110   -7.416  1.00 23.95 ? 9   DC  A C2    1 
ATOM   177 O  O2    . DC  A 1 9  ? 3.614   1.988   -7.729  1.00 27.64 ? 9   DC  A O2    1 
ATOM   178 N  N3    . DC  A 1 9  ? 5.461   1.377   -6.595  1.00 27.27 ? 9   DC  A N3    1 
ATOM   179 C  C4    . DC  A 1 9  ? 6.341   0.422   -6.276  1.00 31.12 ? 9   DC  A C4    1 
ATOM   180 N  N4    . DC  A 1 9  ? 7.342   0.769   -5.460  1.00 29.94 ? 9   DC  A N4    1 
ATOM   181 C  C5    . DC  A 1 9  ? 6.230   -0.899  -6.809  1.00 33.59 ? 9   DC  A C5    1 
ATOM   182 C  C6    . DC  A 1 9  ? 5.186   -1.165  -7.621  1.00 32.37 ? 9   DC  A C6    1 
ATOM   183 P  P     A DG  A 1 10 ? 0.814   -1.068  -12.621 0.50 23.69 ? 10  DG  A P     1 
ATOM   184 P  P     B DG  A 1 10 ? 1.342   -1.187  -12.828 0.50 53.80 ? 10  DG  A P     1 
ATOM   185 O  OP1   A DG  A 1 10 ? -0.614  -0.685  -12.831 0.50 26.09 ? 10  DG  A OP1   1 
ATOM   186 O  OP1   B DG  A 1 10 ? -0.017  -1.340  -13.387 0.50 72.53 ? 10  DG  A OP1   1 
ATOM   187 O  OP2   A DG  A 1 10 ? 1.370   -2.277  -13.274 0.50 28.12 ? 10  DG  A OP2   1 
ATOM   188 O  OP2   B DG  A 1 10 ? 2.409   -2.148  -13.172 0.50 43.83 ? 10  DG  A OP2   1 
ATOM   189 O  "O5'" A DG  A 1 10 ? 1.757   0.176   -13.007 0.50 19.52 ? 10  DG  A "O5'" 1 
ATOM   190 O  "O5'" B DG  A 1 10 ? 1.880   0.252   -13.250 0.50 50.94 ? 10  DG  A "O5'" 1 
ATOM   191 C  "C5'" A DG  A 1 10 ? 1.379   1.495   -12.641 0.50 37.70 ? 10  DG  A "C5'" 1 
ATOM   192 C  "C5'" B DG  A 1 10 ? 1.431   1.447   -12.655 0.50 44.84 ? 10  DG  A "C5'" 1 
ATOM   193 C  "C4'" . DG  A 1 10 ? 2.539   2.472   -12.767 1.00 28.15 ? 10  DG  A "C4'" 1 
ATOM   194 O  "O4'" . DG  A 1 10 ? 3.503   2.200   -11.709 1.00 27.81 ? 10  DG  A "O4'" 1 
ATOM   195 C  "C3'" . DG  A 1 10 ? 3.345   2.416   -14.079 1.00 29.38 ? 10  DG  A "C3'" 1 
ATOM   196 O  "O3'" . DG  A 1 10 ? 3.723   3.721   -14.514 1.00 34.31 ? 10  DG  A "O3'" 1 
ATOM   197 C  "C2'" . DG  A 1 10 ? 4.581   1.636   -13.652 1.00 34.12 ? 10  DG  A "C2'" 1 
ATOM   198 C  "C1'" . DG  A 1 10 ? 4.782   2.266   -12.293 1.00 30.12 ? 10  DG  A "C1'" 1 
ATOM   199 N  N9    . DG  A 1 10 ? 5.770   1.619   -11.448 1.00 36.07 ? 10  DG  A N9    1 
ATOM   200 C  C8    . DG  A 1 10 ? 6.258   0.335   -11.505 1.00 34.12 ? 10  DG  A C8    1 
ATOM   201 N  N7    . DG  A 1 10 ? 7.160   0.079   -10.591 1.00 30.45 ? 10  DG  A N7    1 
ATOM   202 C  C5    . DG  A 1 10 ? 7.266   1.275   -9.889  1.00 26.71 ? 10  DG  A C5    1 
ATOM   203 C  C6    . DG  A 1 10 ? 8.091   1.640   -8.803  1.00 25.79 ? 10  DG  A C6    1 
ATOM   204 O  O6    . DG  A 1 10 ? 8.930   1.012   -8.154  1.00 27.86 ? 10  DG  A O6    1 
ATOM   205 N  N1    . DG  A 1 10 ? 7.846   2.930   -8.418  1.00 20.99 ? 10  DG  A N1    1 
ATOM   206 C  C2    . DG  A 1 10 ? 6.973   3.794   -9.046  1.00 32.41 ? 10  DG  A C2    1 
ATOM   207 N  N2    . DG  A 1 10 ? 6.910   5.001   -8.542  1.00 26.95 ? 10  DG  A N2    1 
ATOM   208 N  N3    . DG  A 1 10 ? 6.193   3.481   -10.058 1.00 25.63 ? 10  DG  A N3    1 
ATOM   209 C  C4    . DG  A 1 10 ? 6.413   2.219   -10.430 1.00 32.19 ? 10  DG  A C4    1 
ATOM   210 P  P     . DC  A 1 11 ? 2.929   4.515   -15.687 1.00 37.79 ? 11  DC  A P     1 
ATOM   211 O  OP1   . DC  A 1 11 ? 1.497   4.106   -15.649 1.00 37.00 ? 11  DC  A OP1   1 
ATOM   212 O  OP2   . DC  A 1 11 ? 3.719   4.364   -16.917 1.00 38.54 ? 11  DC  A OP2   1 
ATOM   213 O  "O5'" . DC  A 1 11 ? 3.022   6.040   -15.161 1.00 36.62 ? 11  DC  A "O5'" 1 
ATOM   214 C  "C5'" . DC  A 1 11 ? 2.362   6.357   -13.945 1.00 37.91 ? 11  DC  A "C5'" 1 
ATOM   215 C  "C4'" . DC  A 1 11 ? 3.123   7.385   -13.115 1.00 45.32 ? 11  DC  A "C4'" 1 
ATOM   216 O  "O4'" . DC  A 1 11 ? 4.278   6.798   -12.424 1.00 35.15 ? 11  DC  A "O4'" 1 
ATOM   217 C  "C3'" . DC  A 1 11 ? 3.700   8.559   -13.883 1.00 30.34 ? 11  DC  A "C3'" 1 
ATOM   218 O  "O3'" . DC  A 1 11 ? 3.610   9.659   -13.052 1.00 39.09 ? 11  DC  A "O3'" 1 
ATOM   219 C  "C2'" . DC  A 1 11 ? 5.155   8.165   -14.133 1.00 36.52 ? 11  DC  A "C2'" 1 
ATOM   220 C  "C1'" . DC  A 1 11 ? 5.488   7.459   -12.837 1.00 44.00 ? 11  DC  A "C1'" 1 
ATOM   221 N  N1    . DC  A 1 11 ? 6.507   6.384   -12.866 1.00 28.67 ? 11  DC  A N1    1 
ATOM   222 C  C2    . DC  A 1 11 ? 7.465   6.343   -11.867 1.00 29.75 ? 11  DC  A C2    1 
ATOM   223 O  O2    . DC  A 1 11 ? 7.520   7.261   -11.068 1.00 30.65 ? 11  DC  A O2    1 
ATOM   224 N  N3    . DC  A 1 11 ? 8.332   5.308   -11.817 1.00 26.18 ? 11  DC  A N3    1 
ATOM   225 C  C4    . DC  A 1 11 ? 8.248   4.314   -12.681 1.00 36.73 ? 11  DC  A C4    1 
ATOM   226 N  N4    . DC  A 1 11 ? 9.117   3.322   -12.533 1.00 27.52 ? 11  DC  A N4    1 
ATOM   227 C  C5    . DC  A 1 11 ? 7.251   4.299   -13.705 1.00 37.47 ? 11  DC  A C5    1 
ATOM   228 C  C6    . DC  A 1 11 ? 6.385   5.330   -13.747 1.00 34.70 ? 11  DC  A C6    1 
ATOM   229 P  P     . DG  A 1 12 ? 3.760   11.112  -13.632 1.00 45.86 ? 12  DG  A P     1 
ATOM   230 O  OP1   . DG  A 1 12 ? 3.048   12.020  -12.698 1.00 42.37 ? 12  DG  A OP1   1 
ATOM   231 O  OP2   . DG  A 1 12 ? 3.524   11.121  -15.088 1.00 32.50 ? 12  DG  A OP2   1 
ATOM   232 O  "O5'" . DG  A 1 12 ? 5.325   11.354  -13.513 1.00 48.39 ? 12  DG  A "O5'" 1 
ATOM   233 C  "C5'" . DG  A 1 12 ? 5.879   12.167  -12.561 1.00 44.17 ? 12  DG  A "C5'" 1 
ATOM   234 C  "C4'" . DG  A 1 12 ? 7.349   12.233  -12.850 1.00 39.66 ? 12  DG  A "C4'" 1 
ATOM   235 O  "O4'" . DG  A 1 12 ? 7.861   10.896  -12.937 1.00 36.96 ? 12  DG  A "O4'" 1 
ATOM   236 C  "C3'" . DG  A 1 12 ? 7.712   12.878  -14.177 1.00 32.85 ? 12  DG  A "C3'" 1 
ATOM   237 O  "O3'" . DG  A 1 12 ? 8.187   14.188  -13.945 1.00 29.18 ? 12  DG  A "O3'" 1 
ATOM   238 C  "C2'" . DG  A 1 12 ? 8.793   11.958  -14.794 1.00 33.30 ? 12  DG  A "C2'" 1 
ATOM   239 C  "C1'" . DG  A 1 12 ? 9.052   10.931  -13.695 1.00 37.01 ? 12  DG  A "C1'" 1 
ATOM   240 N  N9    . DG  A 1 12 ? 9.295   9.554   -14.123 1.00 32.95 ? 12  DG  A N9    1 
ATOM   241 C  C8    . DG  A 1 12 ? 8.608   8.874   -15.096 1.00 42.05 ? 12  DG  A C8    1 
ATOM   242 N  N7    . DG  A 1 12 ? 8.988   7.647   -15.216 1.00 36.39 ? 12  DG  A N7    1 
ATOM   243 C  C5    . DG  A 1 12 ? 9.977   7.490   -14.260 1.00 28.49 ? 12  DG  A C5    1 
ATOM   244 C  C6    . DG  A 1 12 ? 10.765  6.355   -13.911 1.00 33.62 ? 12  DG  A C6    1 
ATOM   245 O  O6    . DG  A 1 12 ? 10.771  5.210   -14.426 1.00 34.62 ? 12  DG  A O6    1 
ATOM   246 N  N1    . DG  A 1 12 ? 11.637  6.630   -12.880 1.00 29.55 ? 12  DG  A N1    1 
ATOM   247 C  C2    . DG  A 1 12 ? 11.747  7.827   -12.246 1.00 30.33 ? 12  DG  A C2    1 
ATOM   248 N  N2    . DG  A 1 12 ? 12.675  7.898   -11.308 1.00 24.46 ? 12  DG  A N2    1 
ATOM   249 N  N3    . DG  A 1 12 ? 11.017  8.889   -12.550 1.00 24.50 ? 12  DG  A N3    1 
ATOM   250 C  C4    . DG  A 1 12 ? 10.166  8.659   -13.566 1.00 28.48 ? 12  DG  A C4    1 
ATOM   251 O  "O5'" . DC  B 1 1  ? 18.389  0.854   -10.613 1.00 59.99 ? 13  DC  B "O5'" 1 
ATOM   252 C  "C5'" . DC  B 1 1  ? 19.231  2.002   -10.515 1.00 37.71 ? 13  DC  B "C5'" 1 
ATOM   253 C  "C4'" A DC  B 1 1  ? 18.482  3.098   -9.740  0.50 37.67 ? 13  DC  B "C4'" 1 
ATOM   254 C  "C4'" B DC  B 1 1  ? 18.581  3.197   -9.868  0.50 47.27 ? 13  DC  B "C4'" 1 
ATOM   255 O  "O4'" A DC  B 1 1  ? 17.497  3.756   -10.603 0.50 31.62 ? 13  DC  B "O4'" 1 
ATOM   256 O  "O4'" B DC  B 1 1  ? 17.508  3.700   -10.713 0.50 40.27 ? 13  DC  B "O4'" 1 
ATOM   257 C  "C3'" A DC  B 1 1  ? 17.661  2.581   -8.538  0.50 37.46 ? 13  DC  B "C3'" 1 
ATOM   258 C  "C3'" B DC  B 1 1  ? 17.980  2.951   -8.507  0.50 35.75 ? 13  DC  B "C3'" 1 
ATOM   259 O  "O3'" A DC  B 1 1  ? 17.531  3.514   -7.559  0.50 32.82 ? 13  DC  B "O3'" 1 
ATOM   260 O  "O3'" B DC  B 1 1  ? 18.287  4.062   -7.712  0.50 51.71 ? 13  DC  B "O3'" 1 
ATOM   261 C  "C2'" A DC  B 1 1  ? 16.312  2.375   -9.138  0.50 34.55 ? 13  DC  B "C2'" 1 
ATOM   262 C  "C2'" B DC  B 1 1  ? 16.490  2.788   -8.825  0.50 49.44 ? 13  DC  B "C2'" 1 
ATOM   263 C  "C1'" A DC  B 1 1  ? 16.227  3.642   -9.987  0.50 38.27 ? 13  DC  B "C1'" 1 
ATOM   264 C  "C1'" B DC  B 1 1  ? 16.311  3.774   -9.978  0.50 41.82 ? 13  DC  B "C1'" 1 
ATOM   265 N  N1    . DC  B 1 1  ? 15.161  3.533   -10.952 1.00 39.65 ? 13  DC  B N1    1 
ATOM   266 C  C2    . DC  B 1 1  ? 14.224  4.578   -11.171 1.00 25.00 ? 13  DC  B C2    1 
ATOM   267 O  O2    . DC  B 1 1  ? 14.332  5.660   -10.556 1.00 33.55 ? 13  DC  B O2    1 
ATOM   268 N  N3    . DC  B 1 1  ? 13.239  4.374   -12.057 1.00 40.88 ? 13  DC  B N3    1 
ATOM   269 C  C4    . DC  B 1 1  ? 13.130  3.216   -12.693 1.00 43.96 ? 13  DC  B C4    1 
ATOM   270 N  N4    . DC  B 1 1  ? 12.126  3.071   -13.539 1.00 44.01 ? 13  DC  B N4    1 
ATOM   271 C  C5    . DC  B 1 1  ? 14.044  2.150   -12.485 1.00 59.47 ? 13  DC  B C5    1 
ATOM   272 C  C6    . DC  B 1 1  ? 15.031  2.345   -11.621 1.00 37.50 ? 13  DC  B C6    1 
ATOM   273 P  P     A DG  B 1 2  ? 17.479  3.104   -6.030  0.50 30.36 ? 14  DG  B P     1 
ATOM   274 P  P     B DG  B 1 2  ? 18.765  3.886   -6.206  0.50 39.44 ? 14  DG  B P     1 
ATOM   275 O  OP1   A DG  B 1 2  ? 18.882  2.958   -5.578  0.50 47.63 ? 14  DG  B OP1   1 
ATOM   276 O  OP1   B DG  B 1 2  ? 20.046  4.619   -6.026  0.50 37.51 ? 14  DG  B OP1   1 
ATOM   277 O  OP2   A DG  B 1 2  ? 16.513  1.993   -5.827  0.50 33.96 ? 14  DG  B OP2   1 
ATOM   278 O  OP2   B DG  B 1 2  ? 18.643  2.459   -5.872  0.50 28.27 ? 14  DG  B OP2   1 
ATOM   279 O  "O5'" A DG  B 1 2  ? 16.902  4.433   -5.379  0.50 27.71 ? 14  DG  B "O5'" 1 
ATOM   280 O  "O5'" B DG  B 1 2  ? 17.621  4.711   -5.472  0.50 45.19 ? 14  DG  B "O5'" 1 
ATOM   281 C  "C5'" A DG  B 1 2  ? 17.392  5.761   -5.808  0.50 20.92 ? 14  DG  B "C5'" 1 
ATOM   282 C  "C5'" B DG  B 1 2  ? 17.586  6.053   -5.821  0.50 35.77 ? 14  DG  B "C5'" 1 
ATOM   283 C  "C4'" . DG  B 1 2  ? 16.234  6.733   -5.720  1.00 25.25 ? 14  DG  B "C4'" 1 
ATOM   284 O  "O4'" . DG  B 1 2  ? 15.392  6.456   -6.855  1.00 30.96 ? 14  DG  B "O4'" 1 
ATOM   285 C  "C3'" . DG  B 1 2  ? 15.427  6.505   -4.455  1.00 30.60 ? 14  DG  B "C3'" 1 
ATOM   286 O  "O3'" . DG  B 1 2  ? 15.303  7.730   -3.784  1.00 27.35 ? 14  DG  B "O3'" 1 
ATOM   287 C  "C2'" . DG  B 1 2  ? 14.085  5.974   -4.938  1.00 34.94 ? 14  DG  B "C2'" 1 
ATOM   288 C  "C1'" . DG  B 1 2  ? 14.046  6.362   -6.417  1.00 36.70 ? 14  DG  B "C1'" 1 
ATOM   289 N  N9    . DG  B 1 2  ? 13.390  5.352   -7.214  1.00 27.11 ? 14  DG  B N9    1 
ATOM   290 C  C8    . DG  B 1 2  ? 13.700  4.019   -7.252  1.00 31.11 ? 14  DG  B C8    1 
ATOM   291 N  N7    . DG  B 1 2  ? 12.930  3.336   -8.051  1.00 30.49 ? 14  DG  B N7    1 
ATOM   292 C  C5    . DG  B 1 2  ? 12.049  4.270   -8.559  1.00 28.00 ? 14  DG  B C5    1 
ATOM   293 C  C6    . DG  B 1 2  ? 10.979  4.115   -9.472  1.00 25.99 ? 14  DG  B C6    1 
ATOM   294 O  O6    . DG  B 1 2  ? 10.600  3.038   -10.025 1.00 27.92 ? 14  DG  B O6    1 
ATOM   295 N  N1    . DG  B 1 2  ? 10.290  5.306   -9.704  1.00 24.74 ? 14  DG  B N1    1 
ATOM   296 C  C2    . DG  B 1 2  ? 10.633  6.522   -9.147  1.00 27.68 ? 14  DG  B C2    1 
ATOM   297 N  N2    . DG  B 1 2  ? 9.877   7.567   -9.502  1.00 23.33 ? 14  DG  B N2    1 
ATOM   298 N  N3    . DG  B 1 2  ? 11.643  6.685   -8.275  1.00 29.65 ? 14  DG  B N3    1 
ATOM   299 C  C4    . DG  B 1 2  ? 12.302  5.523   -8.036  1.00 30.78 ? 14  DG  B C4    1 
ATOM   300 P  P     . DC  B 1 3  ? 14.609  7.846   -2.385  1.00 30.90 ? 15  DC  B P     1 
ATOM   301 O  OP1   . DC  B 1 3  ? 15.259  8.983   -1.717  1.00 32.99 ? 15  DC  B OP1   1 
ATOM   302 O  OP2   . DC  B 1 3  ? 14.581  6.492   -1.762  1.00 33.76 ? 15  DC  B OP2   1 
ATOM   303 O  "O5'" . DC  B 1 3  ? 13.097  8.275   -2.686  1.00 29.41 ? 15  DC  B "O5'" 1 
ATOM   304 C  "C5'" . DC  B 1 3  ? 12.791  9.380   -3.529  1.00 29.69 ? 15  DC  B "C5'" 1 
ATOM   305 C  "C4'" . DC  B 1 3  ? 11.375  9.276   -4.084  1.00 24.96 ? 15  DC  B "C4'" 1 
ATOM   306 O  "O4'" . DC  B 1 3  ? 11.303  8.082   -4.881  1.00 26.35 ? 15  DC  B "O4'" 1 
ATOM   307 C  "C3'" . DC  B 1 3  ? 10.314  9.081   -3.029  1.00 28.47 ? 15  DC  B "C3'" 1 
ATOM   308 O  "O3'" . DC  B 1 3  ? 9.823   10.308  -2.582  1.00 31.61 ? 15  DC  B "O3'" 1 
ATOM   309 C  "C2'" . DC  B 1 3  ? 9.251   8.231   -3.723  1.00 35.12 ? 15  DC  B "C2'" 1 
ATOM   310 C  "C1'" . DC  B 1 3  ? 9.956   7.676   -4.946  1.00 27.24 ? 15  DC  B "C1'" 1 
ATOM   311 N  N1    . DC  B 1 3  ? 9.998   6.214   -5.096  1.00 26.52 ? 15  DC  B N1    1 
ATOM   312 C  C2    . DC  B 1 3  ? 9.214   5.598   -6.056  1.00 24.94 ? 15  DC  B C2    1 
ATOM   313 O  O2    . DC  B 1 3  ? 8.475   6.272   -6.768  1.00 25.94 ? 15  DC  B O2    1 
ATOM   314 N  N3    . DC  B 1 3  ? 9.316   4.280   -6.223  1.00 24.51 ? 15  DC  B N3    1 
ATOM   315 C  C4    . DC  B 1 3  ? 10.107  3.558   -5.460  1.00 27.42 ? 15  DC  B C4    1 
ATOM   316 N  N4    . DC  B 1 3  ? 10.142  2.241   -5.696  1.00 31.35 ? 15  DC  B N4    1 
ATOM   317 C  C5    . DC  B 1 3  ? 10.923  4.168   -4.484  1.00 25.01 ? 15  DC  B C5    1 
ATOM   318 C  C6    . DC  B 1 3  ? 10.811  5.477   -4.311  1.00 26.71 ? 15  DC  B C6    1 
ATOM   319 P  P     . DG  B 1 4  ? 8.839   10.343  -1.315  1.00 32.43 ? 16  DG  B P     1 
ATOM   320 O  OP1   . DG  B 1 4  ? 9.043   11.640  -0.646  1.00 40.15 ? 16  DG  B OP1   1 
ATOM   321 O  OP2   . DG  B 1 4  ? 8.975   9.102   -0.551  1.00 30.92 ? 16  DG  B OP2   1 
ATOM   322 O  "O5'" . DG  B 1 4  ? 7.394   10.338  -1.985  1.00 34.52 ? 16  DG  B "O5'" 1 
ATOM   323 C  "C5'" . DG  B 1 4  ? 7.044   11.277  -2.968  1.00 33.43 ? 16  DG  B "C5'" 1 
ATOM   324 C  "C4'" . DG  B 1 4  ? 5.722   10.918  -3.623  1.00 25.79 ? 16  DG  B "C4'" 1 
ATOM   325 O  "O4'" . DG  B 1 4  ? 5.812   9.610   -4.299  1.00 25.74 ? 16  DG  B "O4'" 1 
ATOM   326 C  "C3'" . DG  B 1 4  ? 4.522   10.836  -2.668  1.00 39.73 ? 16  DG  B "C3'" 1 
ATOM   327 O  "O3'" . DG  B 1 4  ? 3.325   11.416  -3.348  1.00 35.77 ? 16  DG  B "O3'" 1 
ATOM   328 C  "C2'" . DG  B 1 4  ? 4.456   9.332   -2.363  1.00 38.23 ? 16  DG  B "C2'" 1 
ATOM   329 C  "C1'" . DG  B 1 4  ? 4.928   8.687   -3.658  1.00 35.50 ? 16  DG  B "C1'" 1 
ATOM   330 N  N9    . DG  B 1 4  ? 5.610   7.398   -3.446  1.00 25.36 ? 16  DG  B N9    1 
ATOM   331 C  C8    . DG  B 1 4  ? 6.473   7.075   -2.430  1.00 28.97 ? 16  DG  B C8    1 
ATOM   332 N  N7    . DG  B 1 4  ? 6.936   5.863   -2.516  1.00 25.63 ? 16  DG  B N7    1 
ATOM   333 C  C5    . DG  B 1 4  ? 6.335   5.343   -3.655  1.00 25.50 ? 16  DG  B C5    1 
ATOM   334 C  C6    . DG  B 1 4  ? 6.436   4.061   -4.231  1.00 26.19 ? 16  DG  B C6    1 
ATOM   335 O  O6    . DG  B 1 4  ? 7.117   3.094   -3.848  1.00 27.39 ? 16  DG  B O6    1 
ATOM   336 N  N1    . DG  B 1 4  ? 5.657   3.942   -5.381  1.00 24.40 ? 16  DG  B N1    1 
ATOM   337 C  C2    . DG  B 1 4  ? 4.878   4.955   -5.899  1.00 33.84 ? 16  DG  B C2    1 
ATOM   338 N  N2    . DG  B 1 4  ? 4.181   4.681   -7.013  1.00 25.77 ? 16  DG  B N2    1 
ATOM   339 N  N3    . DG  B 1 4  ? 4.778   6.154   -5.369  1.00 27.23 ? 16  DG  B N3    1 
ATOM   340 C  C4    . DG  B 1 4  ? 5.521   6.278   -4.249  1.00 30.17 ? 16  DG  B C4    1 
ATOM   341 P  P     . DA  B 1 5  ? 1.805   11.010  -3.042  1.00 36.02 ? 17  DA  B P     1 
ATOM   342 O  OP1   . DA  B 1 5  ? 0.930   12.081  -3.565  1.00 40.45 ? 17  DA  B OP1   1 
ATOM   343 O  OP2   . DA  B 1 5  ? 1.748   10.628  -1.622  1.00 35.08 ? 17  DA  B OP2   1 
ATOM   344 O  "O5'" . DA  B 1 5  ? 1.542   9.750   -3.973  1.00 33.02 ? 17  DA  B "O5'" 1 
ATOM   345 C  "C5'" . DA  B 1 5  ? 1.613   9.871   -5.369  1.00 29.41 ? 17  DA  B "C5'" 1 
ATOM   346 C  "C4'" . DA  B 1 5  ? 0.976   8.673   -6.064  1.00 33.62 ? 17  DA  B "C4'" 1 
ATOM   347 O  "O4'" . DA  B 1 5  ? 1.655   7.419   -5.745  1.00 32.44 ? 17  DA  B "O4'" 1 
ATOM   348 C  "C3'" A DA  B 1 5  ? -0.462  8.404   -5.741  0.50 29.19 ? 17  DA  B "C3'" 1 
ATOM   349 C  "C3'" B DA  B 1 5  ? -0.486  8.468   -5.643  0.50 42.46 ? 17  DA  B "C3'" 1 
ATOM   350 O  "O3'" A DA  B 1 5  ? -0.983  7.881   -6.944  0.50 31.32 ? 17  DA  B "O3'" 1 
ATOM   351 O  "O3'" B DA  B 1 5  ? -1.354  8.064   -6.691  0.50 54.12 ? 17  DA  B "O3'" 1 
ATOM   352 C  "C2'" . DA  B 1 5  ? -0.376  7.415   -4.553  1.00 38.34 ? 17  DA  B "C2'" 1 
ATOM   353 C  "C1'" . DA  B 1 5  ? 0.819   6.571   -4.962  1.00 27.22 ? 17  DA  B "C1'" 1 
ATOM   354 N  N9    . DA  B 1 5  ? 1.641   6.055   -3.855  1.00 24.61 ? 17  DA  B N9    1 
ATOM   355 C  C8    . DA  B 1 5  ? 2.033   6.716   -2.731  1.00 28.16 ? 17  DA  B C8    1 
ATOM   356 N  N7    . DA  B 1 5  ? 2.800   6.018   -1.928  1.00 24.79 ? 17  DA  B N7    1 
ATOM   357 C  C5    . DA  B 1 5  ? 2.938   4.814   -2.590  1.00 23.31 ? 17  DA  B C5    1 
ATOM   358 C  C6    . DA  B 1 5  ? 3.625   3.680   -2.244  1.00 27.23 ? 17  DA  B C6    1 
ATOM   359 N  N6    . DA  B 1 5  ? 4.382   3.590   -1.132  1.00 23.60 ? 17  DA  B N6    1 
ATOM   360 N  N1    . DA  B 1 5  ? 3.534   2.652   -3.098  1.00 23.23 ? 17  DA  B N1    1 
ATOM   361 C  C2    . DA  B 1 5  ? 2.820   2.768   -4.240  1.00 24.19 ? 17  DA  B C2    1 
ATOM   362 N  N3    . DA  B 1 5  ? 2.109   3.802   -4.677  1.00 27.15 ? 17  DA  B N3    1 
ATOM   363 C  C4    . DA  B 1 5  ? 2.210   4.799   -3.771  1.00 23.14 ? 17  DA  B C4    1 
ATOM   364 P  P     A DA  B 1 6  ? -2.533  7.656   -7.187  0.50 32.44 ? 18  DA  B P     1 
ATOM   365 P  P     B DA  B 1 6  ? -2.877  7.660   -6.334  0.50 44.55 ? 18  DA  B P     1 
ATOM   366 O  OP1   A DA  B 1 6  ? -2.764  7.747   -8.656  0.50 31.72 ? 18  DA  B OP1   1 
ATOM   367 O  OP1   B DA  B 1 6  ? -3.714  7.972   -7.515  0.50 44.63 ? 18  DA  B OP1   1 
ATOM   368 O  OP2   A DA  B 1 6  ? -3.265  8.517   -6.223  0.50 36.31 ? 18  DA  B OP2   1 
ATOM   369 O  OP2   B DA  B 1 6  ? -3.227  8.239   -5.014  0.50 35.69 ? 18  DA  B OP2   1 
ATOM   370 O  "O5'" A DA  B 1 6  ? -2.722  6.153   -6.710  0.50 34.96 ? 18  DA  B "O5'" 1 
ATOM   371 O  "O5'" B DA  B 1 6  ? -2.775  6.070   -6.212  0.50 41.01 ? 18  DA  B "O5'" 1 
ATOM   372 C  "C5'" A DA  B 1 6  ? -2.254  5.172   -7.539  0.50 36.80 ? 18  DA  B "C5'" 1 
ATOM   373 C  "C5'" B DA  B 1 6  ? -2.307  5.263   -7.330  0.50 36.27 ? 18  DA  B "C5'" 1 
ATOM   374 C  "C4'" . DA  B 1 6  ? -2.356  3.811   -6.906  1.00 34.99 ? 18  DA  B "C4'" 1 
ATOM   375 O  "O4'" . DA  B 1 6  ? -1.459  3.687   -5.773  1.00 26.12 ? 18  DA  B "O4'" 1 
ATOM   376 C  "C3'" . DA  B 1 6  ? -3.742  3.407   -6.410  1.00 33.79 ? 18  DA  B "C3'" 1 
ATOM   377 O  "O3'" . DA  B 1 6  ? -4.115  2.220   -7.093  1.00 38.31 ? 18  DA  B "O3'" 1 
ATOM   378 C  "C2'" . DA  B 1 6  ? -3.571  3.264   -4.891  1.00 34.39 ? 18  DA  B "C2'" 1 
ATOM   379 C  "C1'" . DA  B 1 6  ? -2.087  2.925   -4.767  1.00 27.76 ? 18  DA  B "C1'" 1 
ATOM   380 N  N9    . DA  B 1 6  ? -1.428  3.227   -3.521  1.00 22.87 ? 18  DA  B N9    1 
ATOM   381 C  C8    . DA  B 1 6  ? -1.415  4.412   -2.801  1.00 23.94 ? 18  DA  B C8    1 
ATOM   382 N  N7    . DA  B 1 6  ? -0.642  4.374   -1.741  1.00 27.39 ? 18  DA  B N7    1 
ATOM   383 C  C5    . DA  B 1 6  ? -0.076  3.117   -1.754  1.00 24.50 ? 18  DA  B C5    1 
ATOM   384 C  C6    . DA  B 1 6  ? 0.854   2.499   -0.902  1.00 23.43 ? 18  DA  B C6    1 
ATOM   385 N  N6    . DA  B 1 6  ? 1.378   3.047   0.181   1.00 23.66 ? 18  DA  B N6    1 
ATOM   386 N  N1    . DA  B 1 6  ? 1.215   1.243   -1.190  1.00 21.36 ? 18  DA  B N1    1 
ATOM   387 C  C2    . DA  B 1 6  ? 0.695   0.660   -2.261  1.00 22.72 ? 18  DA  B C2    1 
ATOM   388 N  N3    . DA  B 1 6  ? -0.152  1.159   -3.172  1.00 23.53 ? 18  DA  B N3    1 
ATOM   389 C  C4    . DA  B 1 6  ? -0.523  2.403   -2.840  1.00 31.19 ? 18  DA  B C4    1 
ATOM   390 P  P     . DT  B 1 7  ? -5.607  1.653   -7.025  1.00 45.47 ? 19  DT  B P     1 
ATOM   391 O  OP1   . DT  B 1 7  ? -5.942  1.121   -8.354  1.00 52.23 ? 19  DT  B OP1   1 
ATOM   392 O  OP2   . DT  B 1 7  ? -6.438  2.652   -6.357  1.00 36.19 ? 19  DT  B OP2   1 
ATOM   393 O  "O5'" . DT  B 1 7  ? -5.470  0.454   -6.010  1.00 40.07 ? 19  DT  B "O5'" 1 
ATOM   394 C  "C5'" . DT  B 1 7  ? -4.687  -0.603  -6.451  1.00 47.82 ? 19  DT  B "C5'" 1 
ATOM   395 C  "C4'" A DT  B 1 7  ? -4.057  -1.371  -5.333  0.50 40.43 ? 19  DT  B "C4'" 1 
ATOM   396 C  "C4'" B DT  B 1 7  ? -4.210  -1.407  -5.258  0.50 45.81 ? 19  DT  B "C4'" 1 
ATOM   397 O  "O4'" A DT  B 1 7  ? -3.479  -0.471  -4.346  0.50 22.83 ? 19  DT  B "O4'" 1 
ATOM   398 O  "O4'" B DT  B 1 7  ? -3.370  -0.613  -4.392  0.50 46.91 ? 19  DT  B "O4'" 1 
ATOM   399 C  "C3'" A DT  B 1 7  ? -4.988  -2.305  -4.585  0.50 27.12 ? 19  DT  B "C3'" 1 
ATOM   400 C  "C3'" B DT  B 1 7  ? -5.325  -1.879  -4.321  0.50 28.47 ? 19  DT  B "C3'" 1 
ATOM   401 O  "O3'" A DT  B 1 7  ? -4.820  -3.644  -5.130  0.50 29.74 ? 19  DT  B "O3'" 1 
ATOM   402 O  "O3'" B DT  B 1 7  ? -5.893  -3.098  -4.770  0.50 33.61 ? 19  DT  B "O3'" 1 
ATOM   403 C  "C2'" A DT  B 1 7  ? -4.547  -2.141  -3.117  0.50 35.77 ? 19  DT  B "C2'" 1 
ATOM   404 C  "C2'" B DT  B 1 7  ? -4.622  -2.036  -2.984  0.50 38.47 ? 19  DT  B "C2'" 1 
ATOM   405 C  "C1'" A DT  B 1 7  ? -3.286  -1.281  -3.213  0.50 28.51 ? 19  DT  B "C1'" 1 
ATOM   406 C  "C1'" B DT  B 1 7  ? -3.294  -1.316  -3.171  0.50 32.01 ? 19  DT  B "C1'" 1 
ATOM   407 N  N1    . DT  B 1 7  ? -3.004  -0.368  -2.056  1.00 28.46 ? 19  DT  B N1    1 
ATOM   408 C  C2    . DT  B 1 7  ? -2.070  -0.729  -1.133  1.00 23.88 ? 19  DT  B C2    1 
ATOM   409 O  O2    . DT  B 1 7  ? -1.486  -1.782  -1.163  1.00 27.13 ? 19  DT  B O2    1 
ATOM   410 N  N3    . DT  B 1 7  ? -1.852  0.159   -0.145  1.00 27.84 ? 19  DT  B N3    1 
ATOM   411 C  C4    . DT  B 1 7  ? -2.441  1.367   0.015   1.00 27.49 ? 19  DT  B C4    1 
ATOM   412 O  O4    . DT  B 1 7  ? -2.139  2.080   0.939   1.00 30.55 ? 19  DT  B O4    1 
ATOM   413 C  C5    . DT  B 1 7  ? -3.429  1.722   -0.980  1.00 32.66 ? 19  DT  B C5    1 
ATOM   414 C  C7    . DT  B 1 7  ? -4.025  3.096   -0.986  1.00 32.83 ? 19  DT  B C7    1 
ATOM   415 C  C6    . DT  B 1 7  ? -3.661  0.847   -1.966  1.00 33.51 ? 19  DT  B C6    1 
ATOM   416 P  P     A DT  B 1 8  ? -5.933  -4.776  -4.898  0.50 28.07 ? 20  DT  B P     1 
ATOM   417 P  P     B DT  B 1 8  ? -6.781  -4.007  -3.787  0.50 32.64 ? 20  DT  B P     1 
ATOM   418 O  OP1   A DT  B 1 8  ? -5.732  -5.867  -5.897  0.50 31.14 ? 20  DT  B OP1   1 
ATOM   419 O  OP1   B DT  B 1 8  ? -7.406  -5.052  -4.637  0.50 33.31 ? 20  DT  B OP1   1 
ATOM   420 O  OP2   A DT  B 1 8  ? -7.255  -4.101  -4.770  0.50 29.02 ? 20  DT  B OP2   1 
ATOM   421 O  OP2   B DT  B 1 8  ? -7.634  -3.115  -2.954  0.50 33.29 ? 20  DT  B OP2   1 
ATOM   422 O  "O5'" A DT  B 1 8  ? -5.548  -5.321  -3.482  0.50 32.21 ? 20  DT  B "O5'" 1 
ATOM   423 O  "O5'" B DT  B 1 8  ? -5.696  -4.728  -2.836  0.50 35.94 ? 20  DT  B "O5'" 1 
ATOM   424 C  "C5'" A DT  B 1 8  ? -4.307  -5.808  -3.435  0.50 34.44 ? 20  DT  B "C5'" 1 
ATOM   425 C  "C5'" B DT  B 1 8  ? -4.592  -5.631  -3.304  0.50 29.12 ? 20  DT  B "C5'" 1 
ATOM   426 C  "C4'" . DT  B 1 8  ? -3.844  -6.155  -2.072  1.00 29.67 ? 20  DT  B "C4'" 1 
ATOM   427 O  "O4'" . DT  B 1 8  ? -3.484  -4.991  -1.305  1.00 24.85 ? 20  DT  B "O4'" 1 
ATOM   428 C  "C3'" . DT  B 1 8  ? -4.749  -7.014  -1.183  1.00 25.82 ? 20  DT  B "C3'" 1 
ATOM   429 O  "O3'" . DT  B 1 8  ? -4.013  -8.116  -0.830  1.00 29.93 ? 20  DT  B "O3'" 1 
ATOM   430 C  "C2'" . DT  B 1 8  ? -5.047  -6.123  0.024   1.00 28.88 ? 20  DT  B "C2'" 1 
ATOM   431 C  "C1'" . DT  B 1 8  ? -3.821  -5.214  0.049   1.00 32.22 ? 20  DT  B "C1'" 1 
ATOM   432 N  N1    . DT  B 1 8  ? -4.014  -3.876  0.643   1.00 24.71 ? 20  DT  B N1    1 
ATOM   433 C  C2    . DT  B 1 8  ? -3.196  -3.474  1.689   1.00 23.03 ? 20  DT  B C2    1 
ATOM   434 O  O2    . DT  B 1 8  ? -2.378  -4.145  2.197   1.00 30.01 ? 20  DT  B O2    1 
ATOM   435 N  N3    . DT  B 1 8  ? -3.435  -2.226  2.169   1.00 24.10 ? 20  DT  B N3    1 
ATOM   436 C  C4    . DT  B 1 8  ? -4.371  -1.334  1.689   1.00 30.62 ? 20  DT  B C4    1 
ATOM   437 O  O4    . DT  B 1 8  ? -4.471  -0.223  2.156   1.00 26.45 ? 20  DT  B O4    1 
ATOM   438 C  C5    . DT  B 1 8  ? -5.172  -1.790  0.587   1.00 28.73 ? 20  DT  B C5    1 
ATOM   439 C  C7    . DT  B 1 8  ? -6.324  -0.968  0.128   1.00 29.87 ? 20  DT  B C7    1 
ATOM   440 C  C6    . DT  B 1 8  ? -4.955  -3.031  0.130   1.00 25.94 ? 20  DT  B C6    1 
ATOM   441 P  P     . DC  B 1 9  ? -4.690  -9.392  -0.190  1.00 38.24 ? 21  DC  B P     1 
ATOM   442 O  OP1   . DC  B 1 9  ? -3.917  -10.522 -0.716  1.00 34.23 ? 21  DC  B OP1   1 
ATOM   443 O  OP2   . DC  B 1 9  ? -6.156  -9.326  -0.290  1.00 37.57 ? 21  DC  B OP2   1 
ATOM   444 O  "O5'" . DC  B 1 9  ? -4.294  -9.216  1.343   1.00 29.27 ? 21  DC  B "O5'" 1 
ATOM   445 C  "C5'" . DC  B 1 9  ? -2.971  -9.004  1.671   1.00 28.24 ? 21  DC  B "C5'" 1 
ATOM   446 C  "C4'" . DC  B 1 9  ? -2.851  -8.633  3.134   1.00 25.35 ? 21  DC  B "C4'" 1 
ATOM   447 O  "O4'" . DC  B 1 9  ? -3.323  -7.298  3.279   1.00 26.67 ? 21  DC  B "O4'" 1 
ATOM   448 C  "C3'" . DC  B 1 9  ? -3.674  -9.457  4.100   1.00 26.77 ? 21  DC  B "C3'" 1 
ATOM   449 O  "O3'" . DC  B 1 9  ? -2.789  -10.135 4.984   1.00 34.92 ? 21  DC  B "O3'" 1 
ATOM   450 C  "C2'" . DC  B 1 9  ? -4.585  -8.439  4.840   1.00 31.04 ? 21  DC  B "C2'" 1 
ATOM   451 C  "C1'" . DC  B 1 9  ? -3.863  -7.145  4.591   1.00 31.35 ? 21  DC  B "C1'" 1 
ATOM   452 N  N1    . DC  B 1 9  ? -4.662  -5.885  4.511   1.00 22.81 ? 21  DC  B N1    1 
ATOM   453 C  C2    . DC  B 1 9  ? -4.334  -4.759  5.327   1.00 22.83 ? 21  DC  B C2    1 
ATOM   454 O  O2    . DC  B 1 9  ? -3.458  -4.857  6.195   1.00 25.52 ? 21  DC  B O2    1 
ATOM   455 N  N3    . DC  B 1 9  ? -5.007  -3.609  5.141   1.00 28.03 ? 21  DC  B N3    1 
ATOM   456 C  C4    . DC  B 1 9  ? -5.940  -3.504  4.189   1.00 24.25 ? 21  DC  B C4    1 
ATOM   457 N  N4    . DC  B 1 9  ? -6.566  -2.334  4.053   1.00 26.70 ? 21  DC  B N4    1 
ATOM   458 C  C5    . DC  B 1 9  ? -6.279  -4.611  3.359   1.00 20.66 ? 21  DC  B C5    1 
ATOM   459 C  C6    . DC  B 1 9  ? -5.606  -5.762  3.538   1.00 22.23 ? 21  DC  B C6    1 
ATOM   460 P  P     . DG  B 1 10 ? -3.336  -11.362 5.854   1.00 35.98 ? 22  DG  B P     1 
ATOM   461 O  OP1   . DG  B 1 10 ? -2.178  -12.236 6.159   1.00 41.48 ? 22  DG  B OP1   1 
ATOM   462 O  OP2   . DG  B 1 10 ? -4.558  -11.884 5.255   1.00 33.27 ? 22  DG  B OP2   1 
ATOM   463 O  "O5'" . DG  B 1 10 ? -3.857  -10.701 7.235   1.00 32.70 ? 22  DG  B "O5'" 1 
ATOM   464 C  "C5'" . DG  B 1 10 ? -3.022  -9.985  8.069   1.00 35.49 ? 22  DG  B "C5'" 1 
ATOM   465 C  "C4'" . DG  B 1 10 ? -3.855  -9.338  9.147   1.00 29.97 ? 22  DG  B "C4'" 1 
ATOM   466 O  "O4'" . DG  B 1 10 ? -4.496  -8.138  8.606   1.00 29.35 ? 22  DG  B "O4'" 1 
ATOM   467 C  "C3'" . DG  B 1 10 ? -5.007  -10.200 9.692   1.00 33.76 ? 22  DG  B "C3'" 1 
ATOM   468 O  "O3'" . DG  B 1 10 ? -5.176  -9.982  11.087  1.00 32.30 ? 22  DG  B "O3'" 1 
ATOM   469 C  "C2'" . DG  B 1 10 ? -6.199  -9.661  8.920   1.00 29.39 ? 22  DG  B "C2'" 1 
ATOM   470 C  "C1'" . DG  B 1 10 ? -5.860  -8.195  8.952   1.00 23.88 ? 22  DG  B "C1'" 1 
ATOM   471 N  N9    . DG  B 1 10 ? -6.590  -7.378  8.041   1.00 26.02 ? 22  DG  B N9    1 
ATOM   472 C  C8    . DG  B 1 10 ? -7.238  -7.725  6.876   1.00 27.49 ? 22  DG  B C8    1 
ATOM   473 N  N7    . DG  B 1 10 ? -7.803  -6.695  6.302   1.00 23.08 ? 22  DG  B N7    1 
ATOM   474 C  C5    . DG  B 1 10 ? -7.474  -5.612  7.143   1.00 23.95 ? 22  DG  B C5    1 
ATOM   475 C  C6    . DG  B 1 10 ? -7.778  -4.248  7.031   1.00 24.80 ? 22  DG  B C6    1 
ATOM   476 O  O6    . DG  B 1 10 ? -8.438  -3.666  6.142   1.00 23.17 ? 22  DG  B O6    1 
ATOM   477 N  N1    . DG  B 1 10 ? -7.267  -3.533  8.112   1.00 20.87 ? 22  DG  B N1    1 
ATOM   478 C  C2    . DG  B 1 10 ? -6.527  -4.065  9.170   1.00 19.74 ? 22  DG  B C2    1 
ATOM   479 N  N2    . DG  B 1 10 ? -6.093  -3.218  10.109  1.00 24.91 ? 22  DG  B N2    1 
ATOM   480 N  N3    . DG  B 1 10 ? -6.190  -5.331  9.236   1.00 23.49 ? 22  DG  B N3    1 
ATOM   481 C  C4    . DG  B 1 10 ? -6.735  -6.039  8.210   1.00 23.64 ? 22  DG  B C4    1 
ATOM   482 P  P     . DC  B 1 11 ? -5.803  -11.109 12.059  1.00 32.39 ? 23  DC  B P     1 
ATOM   483 O  OP1   . DC  B 1 11 ? -4.689  -12.060 12.295  1.00 36.70 ? 23  DC  B OP1   1 
ATOM   484 O  OP2   . DC  B 1 11 ? -7.112  -11.579 11.556  1.00 31.22 ? 23  DC  B OP2   1 
ATOM   485 O  "O5'" . DC  B 1 11 ? -6.072  -10.220 13.400  1.00 32.70 ? 23  DC  B "O5'" 1 
ATOM   486 C  "C5'" . DC  B 1 11 ? -4.968  -9.618  14.017  1.00 22.31 ? 23  DC  B "C5'" 1 
ATOM   487 C  "C4'" . DC  B 1 11 ? -5.218  -8.166  14.380  1.00 32.43 ? 23  DC  B "C4'" 1 
ATOM   488 O  "O4'" . DC  B 1 11 ? -5.452  -7.422  13.185  1.00 26.71 ? 23  DC  B "O4'" 1 
ATOM   489 C  "C3'" . DC  B 1 11 ? -6.433  -7.923  15.231  1.00 32.77 ? 23  DC  B "C3'" 1 
ATOM   490 O  "O3'" . DC  B 1 11 ? -6.128  -8.065  16.591  1.00 30.59 ? 23  DC  B "O3'" 1 
ATOM   491 C  "C2'" . DC  B 1 11 ? -6.811  -6.487  14.905  1.00 31.64 ? 23  DC  B "C2'" 1 
ATOM   492 C  "C1'" . DC  B 1 11 ? -6.421  -6.394  13.467  1.00 31.68 ? 23  DC  B "C1'" 1 
ATOM   493 N  N1    . DC  B 1 11 ? -7.504  -6.516  12.478  1.00 21.91 ? 23  DC  B N1    1 
ATOM   494 C  C2    . DC  B 1 11 ? -8.140  -5.362  12.094  1.00 25.77 ? 23  DC  B C2    1 
ATOM   495 O  O2    . DC  B 1 11 ? -7.825  -4.328  12.692  1.00 23.06 ? 23  DC  B O2    1 
ATOM   496 N  N3    . DC  B 1 11 ? -9.058  -5.410  11.116  1.00 22.90 ? 23  DC  B N3    1 
ATOM   497 C  C4    . DC  B 1 11 ? -9.361  -6.551  10.503  1.00 23.50 ? 23  DC  B C4    1 
ATOM   498 N  N4    . DC  B 1 11 ? -10.273 -6.520  9.547   1.00 24.10 ? 23  DC  B N4    1 
ATOM   499 C  C5    . DC  B 1 11 ? -8.741  -7.780  10.891  1.00 20.69 ? 23  DC  B C5    1 
ATOM   500 C  C6    . DC  B 1 11 ? -7.824  -7.728  11.870  1.00 22.39 ? 23  DC  B C6    1 
ATOM   501 P  P     . DG  B 1 12 ? -7.341  -8.292  17.626  1.00 32.78 ? 24  DG  B P     1 
ATOM   502 O  OP1   . DG  B 1 12 ? -6.673  -8.659  18.892  1.00 32.38 ? 24  DG  B OP1   1 
ATOM   503 O  OP2   . DG  B 1 12 ? -8.333  -9.186  16.991  1.00 33.66 ? 24  DG  B OP2   1 
ATOM   504 O  "O5'" . DG  B 1 12 ? -8.033  -6.846  17.814  1.00 32.77 ? 24  DG  B "O5'" 1 
ATOM   505 C  "C5'" . DG  B 1 12 ? -7.323  -5.751  18.333  1.00 32.50 ? 24  DG  B "C5'" 1 
ATOM   506 C  "C4'" . DG  B 1 12 ? -8.185  -4.520  18.194  1.00 28.50 ? 24  DG  B "C4'" 1 
ATOM   507 O  "O4'" . DG  B 1 12 ? -8.424  -4.323  16.806  1.00 24.91 ? 24  DG  B "O4'" 1 
ATOM   508 C  "C3'" . DG  B 1 12 ? -9.559  -4.650  18.824  1.00 29.73 ? 24  DG  B "C3'" 1 
ATOM   509 O  "O3'" . DG  B 1 12 ? -9.583  -4.113  20.145  1.00 28.00 ? 24  DG  B "O3'" 1 
ATOM   510 C  "C2'" . DG  B 1 12 ? -10.481 -3.881  17.911  1.00 44.02 ? 24  DG  B "C2'" 1 
ATOM   511 C  "C1'" . DG  B 1 12 ? -9.763  -3.888  16.589  1.00 35.89 ? 24  DG  B "C1'" 1 
ATOM   512 N  N9    . DG  B 1 12 ? -10.350 -4.760  15.569  1.00 26.60 ? 24  DG  B N9    1 
ATOM   513 C  C8    . DG  B 1 12 ? -10.217 -6.126  15.458  1.00 24.14 ? 24  DG  B C8    1 
ATOM   514 N  N7    . DG  B 1 12 ? -10.824 -6.612  14.413  1.00 23.35 ? 24  DG  B N7    1 
ATOM   515 C  C5    . DG  B 1 12 ? -11.368 -5.511  13.788  1.00 23.42 ? 24  DG  B C5    1 
ATOM   516 C  C6    . DG  B 1 12 ? -12.103 -5.412  12.615  1.00 21.01 ? 24  DG  B C6    1 
ATOM   517 O  O6    . DG  B 1 12 ? -12.444 -6.333  11.848  1.00 26.69 ? 24  DG  B O6    1 
ATOM   518 N  N1    . DG  B 1 12 ? -12.468 -4.124  12.337  1.00 23.08 ? 24  DG  B N1    1 
ATOM   519 C  C2    . DG  B 1 12 ? -12.157 -3.032  13.118  1.00 23.02 ? 24  DG  B C2    1 
ATOM   520 N  N2    . DG  B 1 12 ? -12.629 -1.883  12.695  1.00 22.89 ? 24  DG  B N2    1 
ATOM   521 N  N3    . DG  B 1 12 ? -11.439 -3.086  14.188  1.00 23.13 ? 24  DG  B N3    1 
ATOM   522 C  C4    . DG  B 1 12 ? -11.090 -4.359  14.498  1.00 20.73 ? 24  DG  B C4    1 
HETATM 523 MG MG    . MG  C 2 .  ? -12.128 -4.333  4.129   1.00 24.88 ? 100 MG  A MG    1 
HETATM 524 C  CAA   . SN9 D 3 .  ? -1.813  -0.095  -9.336  1.00 48.04 ? 200 SN9 B CAA   1 
HETATM 525 O  OAY   . SN9 D 3 .  ? -1.204  -0.382  -8.047  1.00 42.90 ? 200 SN9 B OAY   1 
HETATM 526 C  CBG   . SN9 D 3 .  ? -1.550  -1.630  -7.567  1.00 44.94 ? 200 SN9 B CBG   1 
HETATM 527 C  CAF   . SN9 D 3 .  ? -2.541  -2.414  -8.192  1.00 44.12 ? 200 SN9 B CAF   1 
HETATM 528 C  CAE   . SN9 D 3 .  ? -2.865  -3.672  -7.675  1.00 55.02 ? 200 SN9 B CAE   1 
HETATM 529 C  CAR   . SN9 D 3 .  ? -2.209  -4.165  -6.535  1.00 49.12 ? 200 SN9 B CAR   1 
HETATM 530 C  CBH   . SN9 D 3 .  ? -1.214  -3.395  -5.906  1.00 44.53 ? 200 SN9 B CBH   1 
HETATM 531 C  CBI   . SN9 D 3 .  ? -0.888  -2.128  -6.438  1.00 39.71 ? 200 SN9 B CBI   1 
HETATM 532 N  NBK   . SN9 D 3 .  ? 0.098   -1.339  -5.815  1.00 44.32 ? 200 SN9 B NBK   1 
HETATM 533 C  CAC   . SN9 D 3 .  ? 0.447   0.008   -6.352  1.00 44.62 ? 200 SN9 B CAC   1 
HETATM 534 C  CAU   . SN9 D 3 .  ? 0.751   -1.828  -4.686  1.00 33.26 ? 200 SN9 B CAU   1 
HETATM 535 C  CAQ   . SN9 D 3 .  ? 0.447   -3.086  -4.162  1.00 38.67 ? 200 SN9 B CAQ   1 
HETATM 536 C  CBF   . SN9 D 3 .  ? -0.548  -3.871  -4.741  1.00 36.54 ? 200 SN9 B CBF   1 
HETATM 537 N  NAX   . SN9 D 3 .  ? -0.806  -5.111  -4.260  1.00 46.85 ? 200 SN9 B NAX   1 
HETATM 538 C  CBC   . SN9 D 3 .  ? -0.492  -5.518  -3.000  1.00 38.82 ? 200 SN9 B CBC   1 
HETATM 539 C  CAL   . SN9 D 3 .  ? -0.217  -6.865  -2.767  1.00 43.24 ? 200 SN9 B CAL   1 
HETATM 540 C  CAN   . SN9 D 3 .  ? 0.046   -7.332  -1.469  1.00 33.60 ? 200 SN9 B CAN   1 
HETATM 541 C  CAK   . SN9 D 3 .  ? -0.541  -4.645  -1.922  1.00 40.63 ? 200 SN9 B CAK   1 
HETATM 542 C  CAM   . SN9 D 3 .  ? -0.265  -5.112  -0.633  1.00 33.47 ? 200 SN9 B CAM   1 
HETATM 543 C  CBE   . SN9 D 3 .  ? 0.027   -6.447  -0.401  1.00 36.05 ? 200 SN9 B CBE   1 
HETATM 544 C  CAZ   . SN9 D 3 .  ? 0.296   -6.943  1.050   1.00 41.71 ? 200 SN9 B CAZ   1 
HETATM 545 O  OAD   . SN9 D 3 .  ? 0.747   -8.063  1.269   1.00 38.75 ? 200 SN9 B OAD   1 
HETATM 546 N  NAV   . SN9 D 3 .  ? -0.018  -6.063  2.009   1.00 34.71 ? 200 SN9 B NAV   1 
HETATM 547 C  CBA   . SN9 D 3 .  ? 0.154   -6.323  3.335   1.00 38.18 ? 200 SN9 B CBA   1 
HETATM 548 C  CAH   . SN9 D 3 .  ? 0.675   -7.526  3.807   1.00 27.72 ? 200 SN9 B CAH   1 
HETATM 549 C  CAJ   . SN9 D 3 .  ? 0.807   -7.723  5.195   1.00 29.36 ? 200 SN9 B CAJ   1 
HETATM 550 C  CAG   . SN9 D 3 .  ? -0.211  -5.343  4.252   1.00 34.96 ? 200 SN9 B CAG   1 
HETATM 551 C  CAI   . SN9 D 3 .  ? -0.066  -5.531  5.630   1.00 36.19 ? 200 SN9 B CAI   1 
HETATM 552 C  CBB   . SN9 D 3 .  ? 0.406   -6.726  6.112   1.00 31.90 ? 200 SN9 B CBB   1 
HETATM 553 N  NAW   . SN9 D 3 .  ? 0.619   -6.901  7.430   1.00 52.32 ? 200 SN9 B NAW   1 
HETATM 554 C  CBD   . SN9 D 3 .  ? -0.314  -6.679  8.363   1.00 43.43 ? 200 SN9 B CBD   1 
HETATM 555 C  CAO   . SN9 D 3 .  ? 0.016   -6.879  9.705   1.00 44.64 ? 200 SN9 B CAO   1 
HETATM 556 C  CAS   . SN9 D 3 .  ? -0.927  -6.678  10.703  1.00 52.93 ? 200 SN9 B CAS   1 
HETATM 557 N  NBJ   . SN9 D 3 .  ? -2.229  -6.283  10.361  1.00 43.73 ? 200 SN9 B NBJ   1 
HETATM 558 C  CAB   . SN9 D 3 .  ? -3.245  -6.071  11.417  1.00 50.30 ? 200 SN9 B CAB   1 
HETATM 559 C  CAT   . SN9 D 3 .  ? -2.568  -6.102  9.006   1.00 38.52 ? 200 SN9 B CAT   1 
HETATM 560 C  CAP   . SN9 D 3 .  ? -1.610  -6.302  8.014   1.00 38.39 ? 200 SN9 B CAP   1 
HETATM 561 O  O     . HOH E 4 .  ? -12.545 -2.517  4.860   1.00 24.03 ? 102 HOH A O     1 
HETATM 562 O  O     . HOH E 4 .  ? -6.762  1.701   3.818   1.00 37.08 ? 103 HOH A O     1 
HETATM 563 O  O     . HOH E 4 .  ? -14.056 -4.943  4.340   1.00 24.94 ? 104 HOH A O     1 
HETATM 564 O  O     . HOH E 4 .  ? 1.034   3.035   -7.488  1.00 30.67 ? 105 HOH A O     1 
HETATM 565 O  O     . HOH E 4 .  ? 7.561   -3.908  2.411   1.00 27.49 ? 106 HOH A O     1 
HETATM 566 O  O     . HOH E 4 .  ? -1.190  4.011   5.910   1.00 39.01 ? 107 HOH A O     1 
HETATM 567 O  O     . HOH E 4 .  ? 3.685   5.426   -10.288 1.00 34.57 ? 108 HOH A O     1 
HETATM 568 O  O     . HOH E 4 .  ? 4.991   3.031   2.872   1.00 30.26 ? 109 HOH A O     1 
HETATM 569 O  O     . HOH E 4 .  ? -14.072 -0.566  3.704   1.00 30.44 ? 110 HOH A O     1 
HETATM 570 O  O     . HOH E 4 .  ? -12.492 -7.771  6.602   1.00 41.09 ? 111 HOH A O     1 
HETATM 571 O  O     . HOH E 4 .  ? 8.931   -4.577  0.088   1.00 31.36 ? 112 HOH A O     1 
HETATM 572 O  O     . HOH E 4 .  ? -11.805 -6.113  3.416   1.00 26.97 ? 116 HOH A O     1 
HETATM 573 O  O     . HOH E 4 .  ? -12.951 -1.017  1.405   1.00 30.87 ? 117 HOH A O     1 
HETATM 574 O  O     . HOH E 4 .  ? 7.986   -2.233  -9.839  1.00 38.79 ? 118 HOH A O     1 
HETATM 575 O  O     . HOH E 4 .  ? -18.105 -3.871  9.700   1.00 30.56 ? 120 HOH A O     1 
HETATM 576 O  O     . HOH E 4 .  ? -1.840  -2.249  10.924  1.00 35.98 ? 121 HOH A O     1 
HETATM 577 O  O     . HOH E 4 .  ? 6.590   -3.934  13.044  1.00 37.20 ? 122 HOH A O     1 
HETATM 578 O  O     . HOH E 4 .  ? 9.126   -4.006  -3.978  1.00 34.53 ? 123 HOH A O     1 
HETATM 579 O  O     . HOH E 4 .  ? -13.914 2.041   5.116   1.00 34.01 ? 124 HOH A O     1 
HETATM 580 O  O     . HOH E 4 .  ? -0.488  3.860   -14.240 1.00 38.61 ? 126 HOH A O     1 
HETATM 581 O  O     . HOH E 4 .  ? 9.165   -1.453  -4.639  1.00 31.03 ? 128 HOH A O     1 
HETATM 582 O  O     . HOH E 4 .  ? -9.871  0.901   3.845   1.00 46.30 ? 131 HOH A O     1 
HETATM 583 O  O     . HOH E 4 .  ? -17.010 -7.300  6.651   1.00 28.32 ? 132 HOH A O     1 
HETATM 584 O  O     . HOH E 4 .  ? 1.397   3.931   3.921   1.00 42.53 ? 133 HOH A O     1 
HETATM 585 O  O     . HOH E 4 .  ? -13.884 7.575   10.455  1.00 42.78 ? 135 HOH A O     1 
HETATM 586 O  O     . HOH E 4 .  ? 6.397   3.904   -17.111 1.00 47.36 ? 137 HOH A O     1 
HETATM 587 O  O     . HOH E 4 .  ? 8.222   -2.049  13.310  1.00 42.56 ? 138 HOH A O     1 
HETATM 588 O  O     . HOH E 4 .  ? 9.097   0.812   2.381   1.00 43.73 ? 141 HOH A O     1 
HETATM 589 O  O     . HOH E 4 .  ? 7.969   1.824   0.163   1.00 32.44 ? 143 HOH A O     1 
HETATM 590 O  O     . HOH E 4 .  ? -11.704 -4.961  6.029   1.00 25.20 ? 144 HOH A O     1 
HETATM 591 O  O     . HOH E 4 .  ? -14.909 -8.085  2.389   1.00 38.56 ? 145 HOH A O     1 
HETATM 592 O  O     . HOH E 4 .  ? -15.115 -7.338  4.811   1.00 36.91 ? 146 HOH A O     1 
HETATM 593 O  O     . HOH E 4 .  ? -17.017 -6.499  9.615   1.00 37.56 ? 147 HOH A O     1 
HETATM 594 O  O     . HOH E 4 .  ? 1.052   1.224   -16.948 1.00 42.71 ? 148 HOH A O     1 
HETATM 595 O  O     . HOH E 4 .  ? 3.061   2.314   5.382   1.00 37.39 ? 150 HOH A O     1 
HETATM 596 O  O     . HOH E 4 .  ? -14.551 -0.895  -0.982  1.00 36.69 ? 151 HOH A O     1 
HETATM 597 O  O     . HOH E 4 .  ? -18.687 0.578   3.799   1.00 46.84 ? 153 HOH A O     1 
HETATM 598 O  O     . HOH E 4 .  ? 7.895   6.190   -17.148 1.00 47.23 ? 154 HOH A O     1 
HETATM 599 O  O     . HOH E 4 .  ? 7.820   -5.197  -2.244  1.00 37.19 ? 156 HOH A O     1 
HETATM 600 O  O     . HOH E 4 .  ? 6.963   2.353   4.337   1.00 49.51 ? 164 HOH A O     1 
HETATM 601 O  O     . HOH E 4 .  ? -11.551 3.274   4.349   1.00 38.15 ? 165 HOH A O     1 
HETATM 602 O  O     . HOH E 4 .  ? 1.501   4.056   8.471   1.00 52.20 ? 167 HOH A O     1 
HETATM 603 O  O     . HOH E 4 .  ? 3.998   -2.468  -13.454 0.50 24.60 ? 169 HOH A O     1 
HETATM 604 O  O     . HOH E 4 .  ? 3.972   -9.641  5.085   1.00 47.13 ? 172 HOH A O     1 
HETATM 605 O  O     . HOH E 4 .  ? -20.915 1.848   2.137   1.00 46.35 ? 175 HOH A O     1 
HETATM 606 O  O     . HOH E 4 .  ? 6.416   10.497  -16.876 1.00 41.21 ? 177 HOH A O     1 
HETATM 607 O  O     . HOH E 4 .  ? 5.566   -1.875  -13.723 0.50 28.68 ? 181 HOH A O     1 
HETATM 608 O  O     . HOH F 4 .  ? -8.811  -2.251  2.101   1.00 26.68 ? 101 HOH B O     1 
HETATM 609 O  O     . HOH F 4 .  ? -10.079 -3.908  3.885   1.00 24.28 ? 113 HOH B O     1 
HETATM 610 O  O     . HOH F 4 .  ? -9.180  -7.271  3.975   1.00 26.45 ? 114 HOH B O     1 
HETATM 611 O  O     . HOH F 4 .  ? -12.274 -3.761  2.173   1.00 29.37 ? 115 HOH B O     1 
HETATM 612 O  O     . HOH F 4 .  ? -10.189 -9.228  14.524  1.00 38.11 ? 119 HOH B O     1 
HETATM 613 O  O     . HOH F 4 .  ? -10.134 -0.171  1.481   1.00 33.73 ? 125 HOH B O     1 
HETATM 614 O  O     . HOH F 4 .  ? 8.991   2.330   -2.110  1.00 33.00 ? 127 HOH B O     1 
HETATM 615 O  O     . HOH F 4 .  ? 10.378  0.074   -2.607  1.00 35.37 ? 129 HOH B O     1 
HETATM 616 O  O     . HOH F 4 .  ? -8.164  -12.939 9.273   1.00 41.66 ? 130 HOH B O     1 
HETATM 617 O  O     . HOH F 4 .  ? 12.407  0.727   -4.260  1.00 35.42 ? 134 HOH B O     1 
HETATM 618 O  O     . HOH F 4 .  ? -6.923  -11.171 19.499  1.00 43.62 ? 136 HOH B O     1 
HETATM 619 O  O     . HOH F 4 .  ? -6.037  -14.429 8.330   1.00 37.71 ? 142 HOH B O     1 
HETATM 620 O  O     . HOH F 4 .  ? -5.790  -8.421  21.258  1.00 46.42 ? 152 HOH B O     1 
HETATM 621 O  O     . HOH F 4 .  ? 3.652   6.425   0.400   1.00 47.06 ? 155 HOH B O     1 
HETATM 622 O  O     . HOH F 4 .  ? -6.968  -10.832 5.246   1.00 51.12 ? 157 HOH B O     1 
HETATM 623 O  O     . HOH F 4 .  ? -0.769  6.262   0.170   1.00 44.99 ? 158 HOH B O     1 
HETATM 624 O  O     . HOH F 4 .  ? -3.564  7.024   -3.912  0.50 25.31 ? 159 HOH B O     1 
HETATM 625 O  O     . HOH F 4 .  ? -0.057  -11.185 6.624   1.00 43.93 ? 161 HOH B O     1 
HETATM 626 O  O     . HOH F 4 .  ? 1.384   5.625   1.823   1.00 41.97 ? 162 HOH B O     1 
HETATM 627 O  O     . HOH F 4 .  ? -9.305  -11.046 12.376  1.00 42.09 ? 163 HOH B O     1 
HETATM 628 O  O     . HOH F 4 .  ? 14.594  2.124   -3.639  1.00 49.31 ? 166 HOH B O     1 
HETATM 629 O  O     . HOH F 4 .  ? -10.487 -9.323  8.234   1.00 33.36 ? 170 HOH B O     1 
HETATM 630 O  O     . HOH F 4 .  ? -11.973 -11.405 15.539  1.00 47.02 ? 171 HOH B O     1 
HETATM 631 O  O     . HOH F 4 .  ? 12.195  5.539   -1.116  1.00 47.95 ? 173 HOH B O     1 
HETATM 632 O  O     . HOH F 4 .  ? -12.325 -9.031  11.919  1.00 46.59 ? 174 HOH B O     1 
HETATM 633 O  O     . HOH F 4 .  ? -8.253  -3.669  22.217  1.00 43.97 ? 176 HOH B O     1 
HETATM 634 O  O     . HOH F 4 .  ? 11.284  0.333   -10.187 1.00 43.11 ? 179 HOH B O     1 
HETATM 635 O  O     . HOH F 4 .  ? -9.123  -6.248  -3.472  0.50 36.62 ? 180 HOH B O     1 
HETATM 636 O  O     . HOH F 4 .  ? -4.110  6.440   -2.479  0.50 34.43 ? 182 HOH B O     1 
# 
